data_3K7D
#
_entry.id   3K7D
#
_cell.length_a   72.542
_cell.length_b   122.862
_cell.length_c   143.618
_cell.angle_alpha   90.00
_cell.angle_beta   90.00
_cell.angle_gamma   90.00
#
_symmetry.space_group_name_H-M   'P 21 21 21'
#
loop_
_entity.id
_entity.type
_entity.pdbx_description
1 polymer 'Glutamate-ammonia-ligase adenylyltransferase'
2 non-polymer 'SULFATE ION'
3 water water
#
_entity_poly.entity_id   1
_entity_poly.type   'polypeptide(L)'
_entity_poly.pdbx_seq_one_letter_code
;SEQWRELWQDALQEDDTTPVLAHLSEDDRKQVLTLIADFRKELDKRTIGPRGRQVLDHLMPHLLSDVCAREDAAVTLSRI
TALLVGIVTRTTYLELLSEFPAALKHLISLCAASPMIASQLARYPLLLDELLDPNTLYQPTATDAYRDELRQYLLRVPED
DEEQQLEALRQFKQAQLLRIAAADIAGTLPVMKVSDHLTWLAEAMIDAVVQQAWVQMVARYGKPNHLNEREGRGFAVVGY
GKLGGWELGYSSDLDLIFLHDCPMDAMTDGEREIDGRQFYLRLAQRIMHLFSTRTSSGILYEVDARLRPSGAAGMLVTSA
EAFADYQKNEAWTWEHQALVRARVVYGDPQLTAHFDAVRREIMTLPREGKTLQTEVREMREKMRAHLGNKHRDRFDIKAD
EGGITDIEFITQYLVLRYAHEKPKLTRWSDNVRILELLAQNDIMEEQEAMALTRAYTTLRDELHHLALQELPGHVSEDCF
TAERELVRASWQKWLVEE
;
_entity_poly.pdbx_strand_id   A,B
#
loop_
_chem_comp.id
_chem_comp.type
_chem_comp.name
_chem_comp.formula
SO4 non-polymer 'SULFATE ION' 'O4 S -2'
#
# COMPACT_ATOMS: atom_id res chain seq x y z
N SER A 1 47.27 9.10 -4.29
CA SER A 1 46.58 8.63 -5.52
C SER A 1 46.78 7.12 -5.62
N GLU A 2 48.03 6.68 -5.47
CA GLU A 2 48.35 5.26 -5.41
C GLU A 2 47.40 4.51 -4.47
N GLN A 3 47.10 5.11 -3.32
CA GLN A 3 46.29 4.43 -2.31
C GLN A 3 44.83 4.25 -2.73
N TRP A 4 44.35 5.13 -3.60
CA TRP A 4 43.00 4.95 -4.15
C TRP A 4 42.99 3.80 -5.15
N ARG A 5 44.04 3.70 -5.96
CA ARG A 5 44.20 2.58 -6.88
C ARG A 5 44.17 1.26 -6.09
N GLU A 6 44.91 1.22 -4.99
CA GLU A 6 44.97 0.02 -4.14
C GLU A 6 43.64 -0.33 -3.48
N LEU A 7 42.83 0.68 -3.16
CA LEU A 7 41.56 0.43 -2.53
C LEU A 7 40.68 -0.40 -3.46
N TRP A 8 40.75 -0.07 -4.76
CA TRP A 8 40.07 -0.83 -5.80
C TRP A 8 40.74 -2.19 -6.08
N GLN A 9 42.06 -2.22 -6.25
CA GLN A 9 42.79 -3.43 -6.64
C GLN A 9 42.76 -4.50 -5.55
N ASP A 10 43.15 -4.13 -4.33
CA ASP A 10 43.06 -5.05 -3.19
C ASP A 10 41.65 -5.11 -2.59
N ALA A 11 40.64 -4.75 -3.38
CA ALA A 11 39.26 -4.67 -2.89
C ALA A 11 38.85 -5.89 -2.05
N LEU A 12 39.15 -7.08 -2.56
CA LEU A 12 38.71 -8.34 -1.92
C LEU A 12 39.39 -8.58 -0.55
N GLN A 13 40.58 -8.04 -0.38
CA GLN A 13 41.31 -8.14 0.88
C GLN A 13 40.62 -7.33 1.98
N GLU A 14 39.85 -6.32 1.59
CA GLU A 14 39.10 -5.51 2.54
C GLU A 14 40.01 -5.08 3.70
N ASP A 15 41.15 -4.51 3.35
CA ASP A 15 42.15 -4.09 4.33
C ASP A 15 41.64 -2.95 5.21
N ASP A 16 41.50 -3.23 6.49
CA ASP A 16 41.02 -2.28 7.48
C ASP A 16 41.90 -1.03 7.59
N THR A 17 43.18 -1.18 7.30
CA THR A 17 44.16 -0.20 7.75
C THR A 17 44.50 0.85 6.70
N THR A 18 43.69 0.94 5.66
CA THR A 18 43.95 1.90 4.61
C THR A 18 43.73 3.32 5.13
N PRO A 19 44.74 4.20 4.99
CA PRO A 19 44.68 5.56 5.52
C PRO A 19 43.49 6.32 4.96
N VAL A 20 43.14 6.05 3.70
CA VAL A 20 42.10 6.83 3.03
C VAL A 20 40.76 6.65 3.71
N LEU A 21 40.59 5.59 4.49
CA LEU A 21 39.32 5.40 5.20
C LEU A 21 39.37 5.73 6.69
N ALA A 22 40.48 6.29 7.17
CA ALA A 22 40.61 6.58 8.61
C ALA A 22 39.61 7.61 9.20
N HIS A 23 39.03 8.47 8.36
CA HIS A 23 38.11 9.52 8.87
C HIS A 23 36.77 8.97 9.36
N LEU A 24 36.42 7.77 8.89
CA LEU A 24 35.15 7.12 9.20
C LEU A 24 35.19 6.33 10.51
N SER A 25 34.00 6.05 11.04
CA SER A 25 33.84 5.16 12.21
C SER A 25 34.15 3.72 11.83
N GLU A 26 34.48 2.91 12.82
CA GLU A 26 34.69 1.48 12.60
C GLU A 26 33.61 0.90 11.71
N ASP A 27 32.35 1.06 12.12
CA ASP A 27 31.22 0.46 11.43
C ASP A 27 31.15 0.97 10.00
N ASP A 28 31.35 2.28 9.83
CA ASP A 28 31.26 2.88 8.50
C ASP A 28 32.39 2.39 7.58
N ARG A 29 33.60 2.28 8.12
CA ARG A 29 34.73 1.76 7.35
C ARG A 29 34.46 0.30 6.97
N LYS A 30 34.02 -0.50 7.95
CA LYS A 30 33.56 -1.87 7.72
C LYS A 30 32.55 -1.95 6.55
N GLN A 31 31.54 -1.09 6.58
CA GLN A 31 30.51 -1.09 5.55
C GLN A 31 31.09 -0.67 4.20
N VAL A 32 31.85 0.42 4.20
CA VAL A 32 32.50 0.84 2.96
C VAL A 32 33.33 -0.27 2.29
N LEU A 33 34.10 -1.01 3.08
CA LEU A 33 35.00 -2.01 2.52
C LEU A 33 34.20 -3.17 1.95
N THR A 34 33.16 -3.57 2.66
CA THR A 34 32.23 -4.59 2.19
C THR A 34 31.58 -4.18 0.87
N LEU A 35 31.17 -2.92 0.78
CA LEU A 35 30.48 -2.41 -0.44
C LEU A 35 31.38 -2.55 -1.66
N ILE A 36 32.63 -2.12 -1.50
CA ILE A 36 33.62 -2.23 -2.56
C ILE A 36 33.87 -3.69 -2.93
N ALA A 37 34.10 -4.53 -1.93
CA ALA A 37 34.30 -5.96 -2.20
C ALA A 37 33.12 -6.53 -2.97
N ASP A 38 31.91 -6.21 -2.52
CA ASP A 38 30.68 -6.75 -3.11
C ASP A 38 30.55 -6.33 -4.55
N PHE A 39 30.90 -5.08 -4.83
CA PHE A 39 30.83 -4.60 -6.20
C PHE A 39 31.81 -5.36 -7.07
N ARG A 40 33.06 -5.45 -6.63
CA ARG A 40 34.08 -6.12 -7.44
C ARG A 40 33.71 -7.57 -7.76
N LYS A 41 33.06 -8.25 -6.80
CA LYS A 41 32.63 -9.63 -7.01
C LYS A 41 31.56 -9.77 -8.10
N GLU A 42 30.72 -8.74 -8.24
CA GLU A 42 29.69 -8.71 -9.27
C GLU A 42 30.30 -8.70 -10.67
N LEU A 43 31.36 -7.91 -10.85
CA LEU A 43 32.07 -7.87 -12.11
C LEU A 43 32.46 -9.29 -12.55
N ASP A 44 33.00 -10.06 -11.60
CA ASP A 44 33.43 -11.43 -11.87
C ASP A 44 32.22 -12.32 -12.19
N LYS A 45 31.08 -11.98 -11.58
CA LYS A 45 29.83 -12.75 -11.69
C LYS A 45 29.03 -12.39 -12.96
N ARG A 46 28.98 -11.11 -13.28
CA ARG A 46 28.29 -10.64 -14.48
C ARG A 46 29.17 -10.83 -15.73
N THR A 47 30.33 -11.46 -15.54
CA THR A 47 31.28 -11.73 -16.61
C THR A 47 31.33 -10.68 -17.72
N ILE A 48 31.60 -9.43 -17.34
CA ILE A 48 31.67 -8.34 -18.30
C ILE A 48 32.98 -8.36 -19.10
N GLY A 49 32.92 -7.80 -20.31
CA GLY A 49 34.01 -7.90 -21.27
C GLY A 49 35.20 -6.99 -21.01
N PRO A 50 36.20 -7.04 -21.89
CA PRO A 50 37.49 -6.38 -21.70
C PRO A 50 37.39 -4.86 -21.68
N ARG A 51 36.60 -4.29 -22.57
CA ARG A 51 36.44 -2.85 -22.60
C ARG A 51 35.87 -2.31 -21.29
N GLY A 52 34.73 -2.89 -20.88
CA GLY A 52 34.15 -2.59 -19.57
C GLY A 52 35.13 -2.66 -18.43
N ARG A 53 35.91 -3.73 -18.37
CA ARG A 53 36.81 -3.96 -17.23
C ARG A 53 37.92 -2.91 -17.23
N GLN A 54 38.33 -2.49 -18.42
CA GLN A 54 39.34 -1.45 -18.58
C GLN A 54 38.80 -0.12 -18.07
N VAL A 55 37.64 0.29 -18.56
CA VAL A 55 37.07 1.54 -18.09
C VAL A 55 36.84 1.47 -16.58
N LEU A 56 36.29 0.36 -16.08
CA LEU A 56 36.02 0.28 -14.63
C LEU A 56 37.27 0.45 -13.79
N ASP A 57 38.34 -0.25 -14.16
CA ASP A 57 39.62 -0.11 -13.49
C ASP A 57 40.19 1.31 -13.55
N HIS A 58 39.87 2.05 -14.60
CA HIS A 58 40.29 3.44 -14.65
C HIS A 58 39.37 4.28 -13.80
N LEU A 59 38.08 4.02 -13.90
CA LEU A 59 37.09 4.89 -13.32
C LEU A 59 36.94 4.72 -11.81
N MET A 60 37.15 3.51 -11.30
CA MET A 60 36.87 3.22 -9.90
C MET A 60 37.83 3.88 -8.89
N PRO A 61 39.15 3.87 -9.17
CA PRO A 61 39.97 4.63 -8.25
C PRO A 61 39.47 6.05 -8.11
N HIS A 62 39.09 6.65 -9.23
CA HIS A 62 38.70 8.04 -9.22
C HIS A 62 37.37 8.19 -8.48
N LEU A 63 36.44 7.31 -8.78
CA LEU A 63 35.11 7.37 -8.19
C LEU A 63 35.17 7.16 -6.67
N LEU A 64 35.92 6.15 -6.26
CA LEU A 64 36.06 5.86 -4.86
C LEU A 64 36.74 7.01 -4.09
N SER A 65 37.62 7.75 -4.76
CA SER A 65 38.33 8.86 -4.09
C SER A 65 37.40 10.01 -3.75
N ASP A 66 36.38 10.21 -4.58
CA ASP A 66 35.42 11.27 -4.32
C ASP A 66 34.46 10.80 -3.26
N VAL A 67 33.83 9.64 -3.47
CA VAL A 67 32.77 9.14 -2.62
C VAL A 67 33.28 8.87 -1.22
N CYS A 68 34.38 8.14 -1.12
CA CYS A 68 34.81 7.58 0.17
C CYS A 68 35.48 8.61 1.07
N ALA A 69 35.88 9.74 0.49
CA ALA A 69 36.39 10.85 1.29
C ALA A 69 35.28 11.65 1.95
N ARG A 70 34.04 11.48 1.50
CA ARG A 70 32.92 12.19 2.10
C ARG A 70 32.63 11.62 3.49
N GLU A 71 32.15 12.47 4.39
CA GLU A 71 31.72 12.01 5.71
C GLU A 71 30.61 10.95 5.58
N ASP A 72 29.71 11.15 4.62
CA ASP A 72 28.60 10.23 4.42
C ASP A 72 28.97 9.08 3.48
N ALA A 73 30.25 8.70 3.48
CA ALA A 73 30.76 7.65 2.59
C ALA A 73 29.88 6.39 2.49
N ALA A 74 29.50 5.82 3.63
CA ALA A 74 28.88 4.49 3.62
C ALA A 74 27.50 4.47 2.94
N VAL A 75 26.62 5.39 3.32
CA VAL A 75 25.34 5.53 2.65
C VAL A 75 25.56 5.91 1.19
N THR A 76 26.39 6.90 0.95
CA THR A 76 26.56 7.37 -0.42
C THR A 76 27.06 6.26 -1.37
N LEU A 77 28.08 5.50 -0.95
CA LEU A 77 28.65 4.44 -1.78
C LEU A 77 27.62 3.34 -2.04
N SER A 78 26.76 3.11 -1.06
CA SER A 78 25.75 2.08 -1.19
C SER A 78 24.78 2.43 -2.32
N ARG A 79 24.48 3.71 -2.42
CA ARG A 79 23.57 4.17 -3.44
C ARG A 79 24.27 4.16 -4.80
N ILE A 80 25.56 4.48 -4.81
CA ILE A 80 26.32 4.50 -6.05
C ILE A 80 26.54 3.09 -6.62
N THR A 81 26.85 2.11 -5.78
CA THR A 81 27.12 0.79 -6.33
C THR A 81 25.87 0.08 -6.82
N ALA A 82 24.72 0.40 -6.21
CA ALA A 82 23.43 -0.10 -6.73
C ALA A 82 23.21 0.44 -8.13
N LEU A 83 23.55 1.70 -8.32
CA LEU A 83 23.47 2.32 -9.63
C LEU A 83 24.44 1.67 -10.62
N LEU A 84 25.70 1.56 -10.25
CA LEU A 84 26.72 0.94 -11.09
C LEU A 84 26.38 -0.50 -11.45
N VAL A 85 25.83 -1.24 -10.49
CA VAL A 85 25.60 -2.66 -10.69
C VAL A 85 24.58 -2.80 -11.80
N GLY A 86 23.72 -1.79 -11.91
CA GLY A 86 22.68 -1.79 -12.94
C GLY A 86 23.22 -1.49 -14.32
N ILE A 87 24.36 -0.80 -14.39
CA ILE A 87 24.86 -0.34 -15.67
C ILE A 87 26.21 -0.92 -16.07
N VAL A 88 26.73 -1.83 -15.25
CA VAL A 88 28.06 -2.38 -15.48
C VAL A 88 28.15 -3.13 -16.81
N THR A 89 26.98 -3.41 -17.39
CA THR A 89 26.86 -4.11 -18.67
C THR A 89 26.87 -3.15 -19.87
N ARG A 90 26.65 -1.86 -19.63
CA ARG A 90 26.66 -0.85 -20.68
C ARG A 90 27.97 -0.05 -20.74
N THR A 91 28.90 -0.53 -21.56
CA THR A 91 30.22 0.06 -21.67
C THR A 91 30.18 1.58 -21.91
N THR A 92 29.36 2.02 -22.88
CA THR A 92 29.20 3.45 -23.18
C THR A 92 28.88 4.32 -21.95
N TYR A 93 28.06 3.82 -21.03
CA TYR A 93 27.66 4.62 -19.88
C TYR A 93 28.84 4.81 -18.93
N LEU A 94 29.66 3.76 -18.82
CA LEU A 94 30.89 3.85 -18.05
C LEU A 94 31.84 4.80 -18.73
N GLU A 95 31.95 4.63 -20.05
CA GLU A 95 32.84 5.47 -20.85
C GLU A 95 32.49 6.93 -20.70
N LEU A 96 31.20 7.23 -20.62
CA LEU A 96 30.75 8.60 -20.34
C LEU A 96 31.08 9.09 -18.95
N LEU A 97 30.87 8.23 -17.95
CA LEU A 97 31.34 8.51 -16.58
C LEU A 97 32.84 8.87 -16.47
N SER A 98 33.70 8.25 -17.28
CA SER A 98 35.15 8.47 -17.24
C SER A 98 35.57 9.71 -18.02
N GLU A 99 34.96 9.91 -19.18
CA GLU A 99 35.36 11.01 -20.03
C GLU A 99 34.91 12.36 -19.48
N PHE A 100 34.01 12.35 -18.51
CA PHE A 100 33.43 13.59 -17.98
C PHE A 100 33.42 13.63 -16.44
N PRO A 101 34.52 14.10 -15.84
CA PRO A 101 34.66 14.08 -14.38
C PRO A 101 33.63 14.98 -13.69
N ALA A 102 33.07 15.91 -14.44
CA ALA A 102 32.07 16.84 -13.90
C ALA A 102 30.71 16.18 -13.77
N ALA A 103 30.34 15.38 -14.76
CA ALA A 103 29.12 14.60 -14.66
C ALA A 103 29.19 13.56 -13.53
N LEU A 104 30.37 12.97 -13.34
CA LEU A 104 30.57 12.08 -12.20
C LEU A 104 30.43 12.83 -10.87
N LYS A 105 31.00 14.02 -10.81
CA LYS A 105 30.95 14.81 -9.60
C LYS A 105 29.48 15.12 -9.21
N HIS A 106 28.64 15.43 -10.19
CA HIS A 106 27.25 15.76 -9.87
C HIS A 106 26.44 14.51 -9.54
N LEU A 107 26.77 13.42 -10.22
CA LEU A 107 26.18 12.13 -9.89
C LEU A 107 26.40 11.84 -8.42
N ILE A 108 27.62 12.02 -7.93
CA ILE A 108 27.94 11.68 -6.55
C ILE A 108 27.28 12.66 -5.56
N SER A 109 27.44 13.95 -5.83
CA SER A 109 26.73 14.98 -5.09
C SER A 109 25.21 14.70 -4.92
N LEU A 110 24.50 14.47 -6.03
CA LEU A 110 23.06 14.20 -6.00
C LEU A 110 22.67 12.92 -5.23
N CYS A 111 23.40 11.84 -5.47
CA CYS A 111 23.11 10.56 -4.85
C CYS A 111 23.32 10.61 -3.33
N ALA A 112 24.31 11.39 -2.91
CA ALA A 112 24.61 11.63 -1.52
C ALA A 112 23.46 12.39 -0.86
N ALA A 113 22.87 13.32 -1.60
CA ALA A 113 21.82 14.20 -1.07
C ALA A 113 20.41 13.56 -1.05
N SER A 114 20.20 12.53 -1.89
CA SER A 114 18.85 12.04 -2.20
C SER A 114 18.84 10.61 -2.78
N PRO A 115 18.36 9.65 -1.99
CA PRO A 115 18.14 8.29 -2.51
C PRO A 115 17.05 8.24 -3.62
N MET A 116 16.12 9.18 -3.60
CA MET A 116 15.12 9.28 -4.68
C MET A 116 15.82 9.48 -6.03
N ILE A 117 16.70 10.46 -6.10
CA ILE A 117 17.49 10.70 -7.30
C ILE A 117 18.41 9.51 -7.61
N ALA A 118 19.10 8.98 -6.60
CA ALA A 118 19.97 7.82 -6.82
C ALA A 118 19.16 6.73 -7.50
N SER A 119 18.00 6.40 -6.93
CA SER A 119 17.12 5.37 -7.49
C SER A 119 16.70 5.69 -8.91
N GLN A 120 16.38 6.95 -9.18
CA GLN A 120 15.86 7.29 -10.50
C GLN A 120 16.96 7.08 -11.55
N LEU A 121 18.15 7.56 -11.24
CA LEU A 121 19.26 7.47 -12.15
C LEU A 121 19.70 6.03 -12.28
N ALA A 122 19.44 5.24 -11.24
CA ALA A 122 19.72 3.82 -11.35
C ALA A 122 18.69 3.15 -12.28
N ARG A 123 17.43 3.58 -12.19
CA ARG A 123 16.37 2.93 -12.99
C ARG A 123 16.47 3.37 -14.44
N TYR A 124 16.74 4.66 -14.63
CA TYR A 124 16.76 5.28 -15.94
C TYR A 124 18.14 5.88 -16.27
N PRO A 125 19.13 5.03 -16.51
CA PRO A 125 20.50 5.57 -16.66
C PRO A 125 20.68 6.58 -17.81
N LEU A 126 19.77 6.54 -18.78
CA LEU A 126 19.87 7.47 -19.90
C LEU A 126 19.74 8.94 -19.46
N LEU A 127 19.38 9.15 -18.19
CA LEU A 127 19.35 10.49 -17.64
C LEU A 127 20.73 11.08 -17.44
N LEU A 128 21.76 10.24 -17.58
CA LEU A 128 23.10 10.73 -17.34
C LEU A 128 23.45 11.85 -18.31
N ASP A 129 22.74 11.90 -19.45
CA ASP A 129 22.70 13.07 -20.32
C ASP A 129 22.55 14.40 -19.56
N GLU A 130 21.60 14.44 -18.63
CA GLU A 130 21.35 15.65 -17.87
C GLU A 130 22.56 16.10 -17.05
N LEU A 131 23.37 15.16 -16.57
CA LEU A 131 24.47 15.49 -15.66
C LEU A 131 25.66 16.12 -16.40
N LEU A 132 25.59 16.17 -17.72
CA LEU A 132 26.67 16.78 -18.49
C LEU A 132 26.54 18.30 -18.69
N ASP A 133 25.52 18.90 -18.06
CA ASP A 133 25.27 20.35 -18.15
C ASP A 133 24.59 20.92 -16.90
N PRO A 134 25.40 21.35 -15.93
CA PRO A 134 24.96 21.95 -14.67
C PRO A 134 24.06 23.17 -14.83
N ASN A 135 24.14 23.85 -15.98
CA ASN A 135 23.31 25.03 -16.19
C ASN A 135 21.84 24.66 -16.37
N THR A 136 21.58 23.48 -16.93
CA THR A 136 20.21 23.02 -17.08
C THR A 136 19.85 22.02 -15.98
N LEU A 137 20.85 21.33 -15.44
CA LEU A 137 20.61 20.35 -14.39
C LEU A 137 19.90 21.00 -13.19
N TYR A 138 20.27 22.24 -12.90
CA TYR A 138 19.80 22.91 -11.70
C TYR A 138 18.86 24.08 -11.96
N GLN A 139 18.64 24.44 -13.22
CA GLN A 139 17.63 25.41 -13.54
C GLN A 139 16.48 24.73 -14.25
N PRO A 140 15.40 24.43 -13.51
CA PRO A 140 14.31 23.72 -14.15
C PRO A 140 13.56 24.58 -15.16
N THR A 141 12.70 23.95 -15.94
CA THR A 141 12.09 24.61 -17.06
C THR A 141 11.13 25.66 -16.53
N ALA A 142 11.18 26.87 -17.11
CA ALA A 142 10.19 27.90 -16.88
C ALA A 142 8.79 27.29 -16.90
N THR A 143 7.97 27.65 -15.92
CA THR A 143 6.64 27.04 -15.77
C THR A 143 5.81 27.15 -17.04
N ASP A 144 6.10 28.15 -17.89
CA ASP A 144 5.33 28.35 -19.12
C ASP A 144 6.03 27.87 -20.39
N ALA A 145 7.02 27.01 -20.24
CA ALA A 145 7.78 26.53 -21.39
C ALA A 145 7.86 25.01 -21.47
N TYR A 146 7.13 24.33 -20.59
CA TYR A 146 7.02 22.88 -20.64
C TYR A 146 6.47 22.34 -21.96
N ARG A 147 5.48 23.01 -22.55
CA ARG A 147 4.94 22.55 -23.81
C ARG A 147 5.96 22.73 -24.94
N ASP A 148 6.62 23.89 -24.96
CA ASP A 148 7.65 24.18 -25.95
C ASP A 148 8.84 23.23 -25.85
N GLU A 149 9.26 22.95 -24.62
CA GLU A 149 10.35 22.02 -24.40
C GLU A 149 10.06 20.58 -24.84
N LEU A 150 8.84 20.10 -24.55
CA LEU A 150 8.40 18.82 -25.06
C LEU A 150 8.41 18.80 -26.59
N ARG A 151 7.92 19.87 -27.21
CA ARG A 151 7.83 19.94 -28.65
C ARG A 151 9.21 19.68 -29.21
N GLN A 152 10.19 20.30 -28.56
CA GLN A 152 11.54 20.34 -29.08
C GLN A 152 12.23 19.01 -28.76
N TYR A 153 11.82 18.40 -27.66
CA TYR A 153 12.32 17.09 -27.31
C TYR A 153 11.79 16.01 -28.26
N LEU A 154 10.61 16.24 -28.84
CA LEU A 154 9.99 15.28 -29.72
C LEU A 154 10.42 15.40 -31.19
N LEU A 155 11.21 16.42 -31.52
CA LEU A 155 11.60 16.63 -32.91
C LEU A 155 12.23 15.41 -33.62
N ARG A 156 13.23 14.79 -32.99
CA ARG A 156 13.91 13.64 -33.60
C ARG A 156 13.03 12.41 -33.82
N VAL A 157 11.85 12.38 -33.20
CA VAL A 157 11.09 11.13 -33.11
C VAL A 157 10.13 10.92 -34.30
N PRO A 158 10.20 9.74 -34.93
CA PRO A 158 9.28 9.44 -36.03
C PRO A 158 7.83 9.64 -35.59
N GLU A 159 7.10 10.53 -36.26
CA GLU A 159 5.71 10.80 -35.84
C GLU A 159 4.77 9.63 -36.17
N ASP A 160 5.23 8.74 -37.04
CA ASP A 160 4.47 7.54 -37.42
C ASP A 160 4.63 6.36 -36.44
N ASP A 161 5.42 6.56 -35.39
CA ASP A 161 5.85 5.44 -34.55
C ASP A 161 5.40 5.57 -33.09
N GLU A 162 4.28 4.92 -32.78
CA GLU A 162 3.61 4.98 -31.48
C GLU A 162 4.59 4.66 -30.36
N GLU A 163 5.28 3.54 -30.47
CA GLU A 163 6.18 3.08 -29.42
C GLU A 163 7.33 4.06 -29.12
N GLN A 164 7.91 4.65 -30.15
CA GLN A 164 8.95 5.66 -29.94
C GLN A 164 8.39 6.94 -29.34
N GLN A 165 7.26 7.41 -29.87
CA GLN A 165 6.55 8.54 -29.30
C GLN A 165 6.29 8.34 -27.80
N LEU A 166 5.74 7.18 -27.46
CA LEU A 166 5.49 6.84 -26.07
C LEU A 166 6.76 6.92 -25.22
N GLU A 167 7.82 6.28 -25.70
CA GLU A 167 9.06 6.16 -24.97
C GLU A 167 9.65 7.55 -24.74
N ALA A 168 9.54 8.40 -25.77
CA ALA A 168 10.03 9.77 -25.71
C ALA A 168 9.31 10.61 -24.62
N LEU A 169 8.01 10.41 -24.47
CA LEU A 169 7.27 11.09 -23.41
C LEU A 169 7.73 10.67 -22.03
N ARG A 170 8.00 9.38 -21.88
CA ARG A 170 8.49 8.87 -20.62
C ARG A 170 9.89 9.41 -20.31
N GLN A 171 10.74 9.48 -21.32
CA GLN A 171 12.05 10.10 -21.17
C GLN A 171 11.94 11.57 -20.75
N PHE A 172 11.09 12.31 -21.45
CA PHE A 172 10.89 13.70 -21.08
C PHE A 172 10.45 13.88 -19.61
N LYS A 173 9.49 13.07 -19.17
CA LYS A 173 8.97 13.23 -17.81
C LYS A 173 10.08 13.01 -16.78
N GLN A 174 10.82 11.91 -16.95
CA GLN A 174 11.90 11.57 -16.02
C GLN A 174 12.99 12.63 -16.01
N ALA A 175 13.28 13.20 -17.16
CA ALA A 175 14.26 14.29 -17.23
C ALA A 175 13.78 15.49 -16.43
N GLN A 176 12.50 15.86 -16.61
CA GLN A 176 11.99 17.01 -15.89
C GLN A 176 11.92 16.76 -14.38
N LEU A 177 11.60 15.53 -13.97
CA LEU A 177 11.52 15.23 -12.55
C LEU A 177 12.88 15.32 -11.91
N LEU A 178 13.90 14.89 -12.65
CA LEU A 178 15.28 14.96 -12.19
C LEU A 178 15.72 16.42 -11.99
N ARG A 179 15.46 17.25 -12.98
CA ARG A 179 15.72 18.67 -12.89
C ARG A 179 14.99 19.34 -11.74
N ILE A 180 13.69 19.07 -11.61
CA ILE A 180 12.93 19.62 -10.49
C ILE A 180 13.53 19.19 -9.14
N ALA A 181 13.76 17.90 -8.96
CA ALA A 181 14.28 17.38 -7.69
C ALA A 181 15.68 17.88 -7.43
N ALA A 182 16.46 18.07 -8.51
CA ALA A 182 17.84 18.51 -8.39
C ALA A 182 17.90 19.98 -7.97
N ALA A 183 17.03 20.80 -8.53
CA ALA A 183 16.97 22.22 -8.16
C ALA A 183 16.48 22.44 -6.70
N ASP A 184 15.55 21.59 -6.26
CA ASP A 184 15.05 21.58 -4.90
C ASP A 184 16.23 21.30 -3.99
N ILE A 185 16.90 20.18 -4.24
CA ILE A 185 18.06 19.75 -3.45
C ILE A 185 19.17 20.80 -3.43
N ALA A 186 19.37 21.51 -4.54
CA ALA A 186 20.43 22.52 -4.57
C ALA A 186 19.98 23.86 -3.99
N GLY A 187 18.69 24.01 -3.73
CA GLY A 187 18.18 25.32 -3.28
C GLY A 187 18.03 26.31 -4.42
N THR A 188 18.16 25.81 -5.63
CA THR A 188 17.92 26.61 -6.84
C THR A 188 16.44 26.84 -7.13
N LEU A 189 15.58 25.96 -6.63
CA LEU A 189 14.15 26.16 -6.72
C LEU A 189 13.54 26.06 -5.33
N PRO A 190 12.81 27.10 -4.91
CA PRO A 190 12.17 27.02 -3.60
C PRO A 190 11.18 25.87 -3.55
N VAL A 191 11.18 25.12 -2.45
CA VAL A 191 10.28 23.99 -2.32
C VAL A 191 8.80 24.38 -2.49
N MET A 192 8.46 25.59 -2.07
CA MET A 192 7.14 26.13 -2.35
C MET A 192 6.71 26.02 -3.82
N LYS A 193 7.64 25.76 -4.73
CA LYS A 193 7.34 25.79 -6.17
C LYS A 193 7.32 24.39 -6.78
N VAL A 194 7.79 23.41 -6.03
CA VAL A 194 7.83 22.04 -6.53
C VAL A 194 6.49 21.50 -7.07
N SER A 195 5.40 21.62 -6.31
CA SER A 195 4.09 21.14 -6.77
C SER A 195 3.64 21.92 -8.02
N ASP A 196 3.95 23.20 -8.01
CA ASP A 196 3.67 24.03 -9.16
C ASP A 196 4.35 23.47 -10.41
N HIS A 197 5.66 23.21 -10.33
CA HIS A 197 6.36 22.62 -11.46
C HIS A 197 5.80 21.24 -11.85
N LEU A 198 5.52 20.39 -10.87
CA LEU A 198 5.00 19.07 -11.20
C LEU A 198 3.64 19.18 -11.91
N THR A 199 2.86 20.17 -11.50
CA THR A 199 1.53 20.36 -12.08
C THR A 199 1.57 20.88 -13.52
N TRP A 200 2.35 21.93 -13.76
CA TRP A 200 2.60 22.40 -15.13
C TRP A 200 3.14 21.27 -16.01
N LEU A 201 4.03 20.46 -15.45
CA LEU A 201 4.60 19.34 -16.19
C LEU A 201 3.50 18.35 -16.62
N ALA A 202 2.69 17.89 -15.66
CA ALA A 202 1.61 16.97 -15.99
C ALA A 202 0.65 17.53 -17.04
N GLU A 203 0.37 18.81 -16.99
CA GLU A 203 -0.53 19.40 -17.98
C GLU A 203 0.08 19.35 -19.39
N ALA A 204 1.38 19.67 -19.51
CA ALA A 204 2.07 19.49 -20.78
C ALA A 204 1.94 18.04 -21.28
N MET A 205 2.04 17.08 -20.36
CA MET A 205 2.02 15.67 -20.74
C MET A 205 0.62 15.28 -21.18
N ILE A 206 -0.38 15.74 -20.43
CA ILE A 206 -1.76 15.51 -20.81
C ILE A 206 -2.00 16.06 -22.21
N ASP A 207 -1.56 17.29 -22.46
CA ASP A 207 -1.73 17.88 -23.78
C ASP A 207 -1.15 17.02 -24.88
N ALA A 208 -0.02 16.39 -24.60
CA ALA A 208 0.71 15.68 -25.65
C ALA A 208 0.13 14.28 -25.83
N VAL A 209 -0.33 13.69 -24.73
CA VAL A 209 -1.08 12.44 -24.81
C VAL A 209 -2.37 12.58 -25.60
N VAL A 210 -3.18 13.58 -25.28
CA VAL A 210 -4.42 13.79 -26.05
C VAL A 210 -4.12 13.97 -27.55
N GLN A 211 -3.12 14.77 -27.86
CA GLN A 211 -2.71 15.03 -29.24
C GLN A 211 -2.37 13.72 -29.96
N GLN A 212 -1.56 12.89 -29.31
CA GLN A 212 -1.14 11.63 -29.89
C GLN A 212 -2.31 10.67 -30.09
N ALA A 213 -3.22 10.60 -29.09
CA ALA A 213 -4.39 9.75 -29.19
C ALA A 213 -5.31 10.20 -30.32
N TRP A 214 -5.48 11.50 -30.45
CA TRP A 214 -6.40 12.10 -31.41
C TRP A 214 -5.96 11.76 -32.83
N VAL A 215 -4.67 11.91 -33.11
CA VAL A 215 -4.11 11.60 -34.44
C VAL A 215 -4.31 10.13 -34.82
N GLN A 216 -4.12 9.23 -33.86
CA GLN A 216 -4.32 7.80 -34.08
C GLN A 216 -5.79 7.50 -34.41
N MET A 217 -6.70 8.13 -33.66
CA MET A 217 -8.15 7.93 -33.81
C MET A 217 -8.68 8.52 -35.11
N VAL A 218 -8.21 9.71 -35.43
CA VAL A 218 -8.66 10.40 -36.61
C VAL A 218 -8.15 9.66 -37.84
N ALA A 219 -6.97 9.05 -37.73
CA ALA A 219 -6.46 8.20 -38.83
C ALA A 219 -7.29 6.93 -39.04
N ARG A 220 -7.80 6.35 -37.95
CA ARG A 220 -8.61 5.14 -38.08
C ARG A 220 -10.08 5.45 -38.43
N TYR A 221 -10.62 6.53 -37.87
CA TYR A 221 -12.06 6.75 -38.00
C TYR A 221 -12.49 8.03 -38.71
N GLY A 222 -11.52 8.91 -39.00
CA GLY A 222 -11.85 10.28 -39.41
C GLY A 222 -12.40 11.07 -38.22
N LYS A 223 -12.89 12.29 -38.47
CA LYS A 223 -13.36 13.18 -37.42
C LYS A 223 -14.86 13.04 -37.20
N PRO A 224 -15.30 13.10 -35.93
CA PRO A 224 -16.70 13.34 -35.65
C PRO A 224 -17.20 14.54 -36.44
N ASN A 225 -18.33 14.37 -37.14
CA ASN A 225 -18.84 15.38 -38.08
C ASN A 225 -19.57 16.59 -37.48
N HIS A 226 -19.76 16.58 -36.17
CA HIS A 226 -20.37 17.71 -35.47
C HIS A 226 -19.36 18.82 -35.23
N LEU A 227 -18.12 18.60 -35.65
CA LEU A 227 -17.04 19.51 -35.29
C LEU A 227 -16.84 20.63 -36.29
N ASN A 228 -17.87 20.85 -37.11
CA ASN A 228 -17.89 22.06 -37.92
C ASN A 228 -18.46 23.28 -37.20
N GLU A 229 -18.04 24.46 -37.66
CA GLU A 229 -18.31 25.72 -36.97
C GLU A 229 -17.45 25.83 -35.70
N ARG A 230 -16.51 24.88 -35.55
CA ARG A 230 -15.86 24.65 -34.27
C ARG A 230 -14.35 24.38 -34.38
N GLU A 231 -13.56 25.29 -33.83
CA GLU A 231 -12.10 25.21 -33.90
C GLU A 231 -11.58 23.92 -33.27
N GLY A 232 -12.11 23.58 -32.09
CA GLY A 232 -11.52 22.57 -31.19
C GLY A 232 -12.11 21.16 -31.27
N ARG A 233 -11.89 20.36 -30.25
CA ARG A 233 -12.02 18.92 -30.42
C ARG A 233 -13.29 18.28 -29.84
N GLY A 234 -14.03 19.04 -29.03
CA GLY A 234 -15.23 18.55 -28.39
C GLY A 234 -14.95 17.47 -27.37
N PHE A 235 -13.74 17.50 -26.80
CA PHE A 235 -13.35 16.53 -25.79
C PHE A 235 -12.70 17.31 -24.66
N ALA A 236 -12.93 16.91 -23.42
CA ALA A 236 -12.32 17.61 -22.29
C ALA A 236 -11.78 16.65 -21.25
N VAL A 237 -10.66 17.01 -20.65
CA VAL A 237 -10.08 16.28 -19.52
C VAL A 237 -10.21 17.20 -18.30
N VAL A 238 -10.91 16.72 -17.28
CA VAL A 238 -11.08 17.45 -16.02
C VAL A 238 -10.11 16.86 -14.99
N GLY A 239 -9.34 17.68 -14.29
CA GLY A 239 -8.41 17.14 -13.28
C GLY A 239 -9.01 17.24 -11.89
N TYR A 240 -9.05 16.11 -11.16
CA TYR A 240 -9.54 16.12 -9.75
C TYR A 240 -8.33 15.92 -8.82
N GLY A 241 -8.62 15.77 -7.53
CA GLY A 241 -7.59 15.36 -6.59
C GLY A 241 -6.42 16.35 -6.57
N LYS A 242 -5.21 15.82 -6.51
CA LYS A 242 -4.00 16.63 -6.39
C LYS A 242 -3.67 17.44 -7.65
N LEU A 243 -3.89 16.83 -8.81
CA LEU A 243 -3.87 17.56 -10.08
C LEU A 243 -4.78 18.79 -10.06
N GLY A 244 -6.06 18.57 -9.75
CA GLY A 244 -7.01 19.67 -9.65
C GLY A 244 -6.52 20.74 -8.69
N GLY A 245 -5.81 20.29 -7.66
CA GLY A 245 -5.58 21.12 -6.49
C GLY A 245 -4.17 21.67 -6.45
N TRP A 246 -3.48 21.63 -7.58
CA TRP A 246 -2.08 22.09 -7.68
C TRP A 246 -1.16 21.52 -6.58
N GLU A 247 -1.28 20.22 -6.34
CA GLU A 247 -0.66 19.59 -5.19
C GLU A 247 0.11 18.31 -5.55
N LEU A 248 0.47 18.15 -6.82
CA LEU A 248 1.14 16.94 -7.24
C LEU A 248 2.49 16.78 -6.53
N GLY A 249 2.78 15.53 -6.15
CA GLY A 249 4.12 15.13 -5.73
C GLY A 249 4.86 14.33 -6.81
N TYR A 250 6.07 13.89 -6.48
CA TYR A 250 6.97 13.26 -7.44
C TYR A 250 6.42 11.98 -8.04
N SER A 251 5.71 11.22 -7.22
CA SER A 251 5.23 9.94 -7.69
C SER A 251 3.70 9.87 -7.68
N SER A 252 3.05 11.02 -7.88
CA SER A 252 1.58 11.10 -7.91
C SER A 252 0.92 10.47 -9.12
N ASP A 253 -0.25 9.90 -8.89
CA ASP A 253 -1.25 9.60 -9.91
C ASP A 253 -1.87 10.85 -10.50
N LEU A 254 -2.60 10.70 -11.58
CA LEU A 254 -3.49 11.75 -12.06
C LEU A 254 -4.91 11.28 -11.92
N ASP A 255 -5.73 12.07 -11.21
CA ASP A 255 -7.15 11.84 -11.16
C ASP A 255 -7.82 12.60 -12.30
N LEU A 256 -8.36 11.87 -13.28
CA LEU A 256 -8.89 12.47 -14.51
C LEU A 256 -10.28 11.95 -14.80
N ILE A 257 -11.15 12.83 -15.29
CA ILE A 257 -12.34 12.39 -15.96
C ILE A 257 -12.47 13.05 -17.31
N PHE A 258 -13.24 12.42 -18.20
CA PHE A 258 -13.31 12.82 -19.58
C PHE A 258 -14.75 13.21 -19.98
N LEU A 259 -14.88 14.34 -20.66
CA LEU A 259 -16.17 14.80 -21.13
C LEU A 259 -16.20 14.93 -22.63
N HIS A 260 -17.37 14.76 -23.21
CA HIS A 260 -17.64 15.23 -24.56
C HIS A 260 -18.93 16.05 -24.56
N ASP A 261 -19.25 16.65 -25.70
CA ASP A 261 -20.58 17.23 -25.86
C ASP A 261 -21.18 16.80 -27.18
N CYS A 262 -21.01 15.52 -27.50
CA CYS A 262 -21.32 15.00 -28.81
C CYS A 262 -22.78 14.52 -28.91
N PRO A 263 -23.49 14.94 -29.96
CA PRO A 263 -24.86 14.44 -30.17
C PRO A 263 -24.93 12.94 -30.45
N MET A 264 -26.09 12.34 -30.22
CA MET A 264 -26.32 10.93 -30.55
C MET A 264 -26.12 10.61 -32.02
N ASP A 265 -26.48 11.54 -32.91
CA ASP A 265 -26.52 11.23 -34.35
C ASP A 265 -25.25 11.59 -35.13
N ALA A 266 -24.22 12.01 -34.41
CA ALA A 266 -22.95 12.36 -35.04
C ALA A 266 -22.19 11.10 -35.45
N MET A 267 -21.57 11.15 -36.63
CA MET A 267 -20.75 10.03 -37.12
C MET A 267 -19.40 10.57 -37.51
N THR A 268 -18.40 9.70 -37.50
CA THR A 268 -17.09 10.07 -37.96
C THR A 268 -17.12 10.07 -39.46
N ASP A 269 -16.21 10.83 -40.06
CA ASP A 269 -16.34 11.18 -41.48
C ASP A 269 -15.37 10.40 -42.36
N GLY A 270 -14.58 9.52 -41.77
CA GLY A 270 -13.81 8.53 -42.54
C GLY A 270 -14.70 7.42 -43.08
N GLU A 271 -14.13 6.56 -43.91
CA GLU A 271 -14.91 5.46 -44.51
C GLU A 271 -15.16 4.33 -43.49
N ARG A 272 -14.28 4.24 -42.48
CA ARG A 272 -14.54 3.44 -41.27
C ARG A 272 -15.42 4.24 -40.30
N GLU A 273 -16.65 4.50 -40.73
CA GLU A 273 -17.59 5.32 -39.99
C GLU A 273 -17.98 4.66 -38.66
N ILE A 274 -17.84 5.40 -37.57
CA ILE A 274 -18.38 5.00 -36.28
C ILE A 274 -19.17 6.15 -35.65
N ASP A 275 -19.96 5.80 -34.63
CA ASP A 275 -20.72 6.76 -33.84
C ASP A 275 -19.80 7.77 -33.15
N GLY A 276 -20.19 9.05 -33.25
CA GLY A 276 -19.44 10.16 -32.64
C GLY A 276 -19.03 9.85 -31.22
N ARG A 277 -20.01 9.43 -30.41
CA ARG A 277 -19.76 9.10 -29.01
C ARG A 277 -18.78 7.94 -28.80
N GLN A 278 -18.87 6.91 -29.63
CA GLN A 278 -17.92 5.79 -29.53
C GLN A 278 -16.51 6.26 -29.87
N PHE A 279 -16.40 7.22 -30.78
CA PHE A 279 -15.11 7.79 -31.13
C PHE A 279 -14.40 8.39 -29.91
N TYR A 280 -15.16 9.05 -29.05
CA TYR A 280 -14.64 9.65 -27.81
C TYR A 280 -14.31 8.64 -26.72
N LEU A 281 -15.17 7.64 -26.55
CA LEU A 281 -14.87 6.52 -25.66
C LEU A 281 -13.56 5.87 -26.09
N ARG A 282 -13.43 5.58 -27.38
CA ARG A 282 -12.18 5.01 -27.87
C ARG A 282 -10.99 5.96 -27.68
N LEU A 283 -11.23 7.26 -27.85
CA LEU A 283 -10.21 8.28 -27.60
C LEU A 283 -9.72 8.21 -26.16
N ALA A 284 -10.69 8.19 -25.24
CA ALA A 284 -10.43 8.13 -23.81
C ALA A 284 -9.62 6.89 -23.46
N GLN A 285 -9.91 5.78 -24.15
CA GLN A 285 -9.28 4.50 -23.88
C GLN A 285 -7.85 4.52 -24.34
N ARG A 286 -7.63 5.03 -25.56
CA ARG A 286 -6.30 5.22 -26.06
C ARG A 286 -5.44 6.05 -25.09
N ILE A 287 -5.97 7.21 -24.69
CA ILE A 287 -5.32 8.08 -23.71
C ILE A 287 -4.89 7.34 -22.44
N MET A 288 -5.83 6.67 -21.78
CA MET A 288 -5.52 5.72 -20.71
C MET A 288 -4.34 4.83 -21.08
N HIS A 289 -4.42 4.20 -22.24
CA HIS A 289 -3.38 3.30 -22.68
C HIS A 289 -2.04 4.01 -22.85
N LEU A 290 -2.05 5.20 -23.43
CA LEU A 290 -0.79 5.94 -23.61
C LEU A 290 -0.16 6.38 -22.29
N PHE A 291 -0.95 6.63 -21.26
CA PHE A 291 -0.41 6.97 -19.94
C PHE A 291 0.20 5.77 -19.22
N SER A 292 -0.44 4.62 -19.35
CA SER A 292 -0.22 3.55 -18.38
C SER A 292 0.64 2.41 -18.91
N THR A 293 0.75 2.29 -20.22
CA THR A 293 1.53 1.21 -20.78
C THR A 293 3.01 1.35 -20.42
N ARG A 294 3.70 0.22 -20.32
CA ARG A 294 5.09 0.19 -19.80
C ARG A 294 6.07 -0.01 -20.96
N THR A 295 6.93 0.98 -21.19
CA THR A 295 8.04 0.80 -22.13
C THR A 295 9.35 0.81 -21.36
N SER A 296 10.47 0.72 -22.08
CA SER A 296 11.80 0.72 -21.45
C SER A 296 11.84 1.72 -20.32
N SER A 297 11.39 2.95 -20.56
CA SER A 297 11.46 3.99 -19.54
C SER A 297 10.22 4.03 -18.65
N GLY A 298 9.55 2.90 -18.54
CA GLY A 298 8.48 2.72 -17.57
C GLY A 298 7.11 3.19 -18.05
N ILE A 299 6.29 3.65 -17.11
CA ILE A 299 4.98 4.17 -17.43
C ILE A 299 4.97 5.69 -17.28
N LEU A 300 4.07 6.36 -17.97
CA LEU A 300 4.03 7.82 -17.93
C LEU A 300 3.37 8.35 -16.65
N TYR A 301 2.10 8.01 -16.40
CA TYR A 301 1.42 8.30 -15.13
C TYR A 301 0.40 7.19 -14.87
N GLU A 302 0.22 6.80 -13.62
CA GLU A 302 -0.97 6.01 -13.27
C GLU A 302 -2.18 6.95 -13.27
N VAL A 303 -3.22 6.57 -13.99
CA VAL A 303 -4.43 7.38 -14.09
C VAL A 303 -5.54 6.77 -13.26
N ASP A 304 -6.11 7.57 -12.36
CA ASP A 304 -7.25 7.13 -11.58
C ASP A 304 -8.50 7.87 -12.04
N ALA A 305 -9.45 7.11 -12.60
CA ALA A 305 -10.65 7.68 -13.21
C ALA A 305 -11.90 7.38 -12.39
N ARG A 306 -11.70 7.01 -11.12
CA ARG A 306 -12.79 6.49 -10.30
C ARG A 306 -13.80 7.55 -9.86
N LEU A 307 -13.44 8.84 -9.93
CA LEU A 307 -14.37 9.90 -9.52
C LEU A 307 -15.35 10.32 -10.61
N ARG A 308 -15.32 9.67 -11.76
CA ARG A 308 -16.31 9.97 -12.79
C ARG A 308 -17.70 9.57 -12.35
N PRO A 309 -18.72 10.10 -13.02
CA PRO A 309 -20.04 9.71 -12.52
C PRO A 309 -20.26 8.19 -12.51
N SER A 310 -20.65 7.66 -11.34
CA SER A 310 -20.91 6.24 -11.10
C SER A 310 -19.67 5.37 -10.88
N GLY A 311 -18.50 6.02 -10.81
CA GLY A 311 -17.26 5.31 -10.52
C GLY A 311 -16.88 4.32 -11.62
N ALA A 312 -16.36 3.17 -11.20
CA ALA A 312 -15.92 2.10 -12.10
C ALA A 312 -17.03 1.56 -13.02
N ALA A 313 -18.27 1.87 -12.67
CA ALA A 313 -19.44 1.35 -13.35
C ALA A 313 -19.97 2.35 -14.38
N GLY A 314 -19.44 3.56 -14.31
CA GLY A 314 -19.86 4.62 -15.22
C GLY A 314 -19.13 4.48 -16.53
N MET A 315 -19.72 5.03 -17.59
CA MET A 315 -19.06 5.19 -18.89
C MET A 315 -17.70 5.86 -18.68
N LEU A 316 -16.74 5.52 -19.54
CA LEU A 316 -15.44 6.13 -19.44
C LEU A 316 -15.48 7.63 -19.80
N VAL A 317 -16.47 8.03 -20.59
CA VAL A 317 -16.61 9.42 -21.00
C VAL A 317 -18.08 9.73 -20.82
N THR A 318 -18.40 10.91 -20.32
CA THR A 318 -19.80 11.32 -20.17
C THR A 318 -19.99 12.53 -21.05
N SER A 319 -21.20 12.69 -21.59
CA SER A 319 -21.57 13.97 -22.16
C SER A 319 -21.63 15.01 -21.06
N ALA A 320 -21.41 16.27 -21.42
CA ALA A 320 -21.49 17.36 -20.46
C ALA A 320 -22.91 17.47 -19.89
N GLU A 321 -23.90 17.28 -20.74
CA GLU A 321 -25.27 17.31 -20.27
C GLU A 321 -25.63 16.17 -19.28
N ALA A 322 -25.01 15.01 -19.41
CA ALA A 322 -25.26 13.90 -18.48
C ALA A 322 -24.48 14.10 -17.17
N PHE A 323 -23.31 14.71 -17.29
CA PHE A 323 -22.50 15.10 -16.14
C PHE A 323 -23.26 16.12 -15.28
N ALA A 324 -23.90 17.09 -15.92
CA ALA A 324 -24.68 18.09 -15.20
C ALA A 324 -25.87 17.44 -14.53
N ASP A 325 -26.66 16.69 -15.29
CA ASP A 325 -27.77 15.96 -14.71
C ASP A 325 -27.33 15.15 -13.47
N TYR A 326 -26.22 14.44 -13.58
CA TYR A 326 -25.79 13.55 -12.51
C TYR A 326 -25.42 14.35 -11.25
N GLN A 327 -24.68 15.44 -11.47
CA GLN A 327 -24.23 16.26 -10.36
C GLN A 327 -25.39 16.88 -9.61
N LYS A 328 -26.40 17.34 -10.36
CA LYS A 328 -27.55 18.00 -9.75
C LYS A 328 -28.44 16.99 -9.06
N ASN A 329 -28.66 15.84 -9.71
CA ASN A 329 -29.68 14.92 -9.27
C ASN A 329 -29.24 13.66 -8.50
N GLU A 330 -27.98 13.24 -8.65
CA GLU A 330 -27.55 11.94 -8.11
C GLU A 330 -26.33 12.02 -7.21
N ALA A 331 -25.43 12.95 -7.50
CA ALA A 331 -24.15 13.00 -6.80
C ALA A 331 -24.36 13.14 -5.29
N TRP A 332 -23.54 12.44 -4.51
CA TRP A 332 -23.48 12.66 -3.07
C TRP A 332 -22.68 13.91 -2.74
N THR A 333 -22.86 14.39 -1.53
CA THR A 333 -22.07 15.50 -1.03
C THR A 333 -20.56 15.25 -1.15
N TRP A 334 -20.13 14.03 -0.85
CA TRP A 334 -18.72 13.73 -0.97
C TRP A 334 -18.22 13.90 -2.40
N GLU A 335 -19.12 13.68 -3.36
CA GLU A 335 -18.81 13.95 -4.77
C GLU A 335 -18.73 15.43 -5.07
N HIS A 336 -19.61 16.22 -4.44
CA HIS A 336 -19.57 17.67 -4.59
C HIS A 336 -18.32 18.24 -3.92
N GLN A 337 -18.03 17.76 -2.72
CA GLN A 337 -16.73 18.05 -2.09
C GLN A 337 -15.59 17.84 -3.09
N ALA A 338 -15.51 16.64 -3.65
CA ALA A 338 -14.41 16.31 -4.53
C ALA A 338 -14.39 17.32 -5.68
N LEU A 339 -15.58 17.81 -6.05
CA LEU A 339 -15.69 18.66 -7.22
C LEU A 339 -15.18 20.07 -6.96
N VAL A 340 -15.11 20.48 -5.70
CA VAL A 340 -14.49 21.78 -5.36
C VAL A 340 -13.08 21.88 -5.97
N ARG A 341 -12.47 20.73 -6.13
CA ARG A 341 -11.07 20.60 -6.41
C ARG A 341 -10.84 20.41 -7.93
N ALA A 342 -11.90 20.08 -8.65
CA ALA A 342 -11.83 19.76 -10.07
C ALA A 342 -11.69 21.02 -10.94
N ARG A 343 -10.92 20.90 -12.02
CA ARG A 343 -10.81 21.96 -13.03
C ARG A 343 -10.44 21.35 -14.37
N VAL A 344 -10.79 22.04 -15.43
CA VAL A 344 -10.50 21.56 -16.76
C VAL A 344 -9.01 21.69 -16.99
N VAL A 345 -8.35 20.60 -17.37
CA VAL A 345 -6.92 20.64 -17.70
C VAL A 345 -6.64 20.43 -19.17
N TYR A 346 -7.67 20.03 -19.92
CA TYR A 346 -7.59 20.05 -21.38
C TYR A 346 -9.01 20.16 -21.93
N GLY A 347 -9.25 21.12 -22.82
CA GLY A 347 -10.54 21.23 -23.47
C GLY A 347 -10.70 22.50 -24.26
N ASP A 348 -11.66 22.56 -25.18
CA ASP A 348 -11.83 23.80 -25.92
C ASP A 348 -12.68 24.80 -25.12
N PRO A 349 -12.84 26.01 -25.66
CA PRO A 349 -13.54 27.00 -24.83
C PRO A 349 -15.00 26.63 -24.56
N GLN A 350 -15.70 26.10 -25.56
CA GLN A 350 -17.09 25.75 -25.34
C GLN A 350 -17.28 24.75 -24.17
N LEU A 351 -16.61 23.60 -24.28
CA LEU A 351 -16.64 22.59 -23.22
C LEU A 351 -16.12 23.08 -21.86
N THR A 352 -15.10 23.94 -21.87
CA THR A 352 -14.60 24.57 -20.62
C THR A 352 -15.70 25.43 -19.98
N ALA A 353 -16.38 26.19 -20.83
CA ALA A 353 -17.47 27.02 -20.38
C ALA A 353 -18.56 26.12 -19.78
N HIS A 354 -18.84 25.02 -20.47
CA HIS A 354 -19.87 24.10 -19.99
C HIS A 354 -19.50 23.53 -18.63
N PHE A 355 -18.29 23.00 -18.49
CA PHE A 355 -17.87 22.50 -17.20
C PHE A 355 -17.91 23.60 -16.13
N ASP A 356 -17.40 24.78 -16.45
CA ASP A 356 -17.22 25.83 -15.44
C ASP A 356 -18.57 26.27 -14.84
N ALA A 357 -19.56 26.46 -15.72
CA ALA A 357 -20.88 26.86 -15.33
C ALA A 357 -21.57 25.73 -14.56
N VAL A 358 -21.35 24.48 -14.98
CA VAL A 358 -21.89 23.36 -14.21
C VAL A 358 -21.33 23.28 -12.79
N ARG A 359 -20.01 23.30 -12.68
CA ARG A 359 -19.39 23.24 -11.37
C ARG A 359 -19.84 24.45 -10.53
N ARG A 360 -19.90 25.62 -11.15
CA ARG A 360 -20.22 26.85 -10.42
C ARG A 360 -21.62 26.70 -9.84
N GLU A 361 -22.48 26.02 -10.59
CA GLU A 361 -23.86 25.88 -10.20
C GLU A 361 -24.00 24.86 -9.08
N ILE A 362 -23.20 23.80 -9.11
CA ILE A 362 -23.12 22.90 -7.98
C ILE A 362 -22.51 23.52 -6.70
N MET A 363 -21.42 24.27 -6.84
CA MET A 363 -20.84 24.95 -5.67
C MET A 363 -21.91 25.78 -4.94
N THR A 364 -22.65 26.59 -5.72
CA THR A 364 -23.54 27.60 -5.15
C THR A 364 -24.97 27.10 -4.86
N LEU A 365 -25.17 25.79 -4.84
CA LEU A 365 -26.42 25.26 -4.30
C LEU A 365 -26.57 25.69 -2.85
N PRO A 366 -27.77 26.16 -2.50
CA PRO A 366 -28.05 26.41 -1.10
C PRO A 366 -28.08 25.08 -0.33
N ARG A 367 -27.32 25.02 0.76
CA ARG A 367 -27.20 23.81 1.55
C ARG A 367 -27.50 24.15 2.99
N GLU A 368 -28.27 23.32 3.67
CA GLU A 368 -28.50 23.49 5.09
C GLU A 368 -27.21 23.33 5.87
N GLY A 369 -26.85 24.35 6.63
CA GLY A 369 -25.49 24.46 7.16
C GLY A 369 -25.06 23.29 8.02
N LYS A 370 -25.85 23.00 9.05
CA LYS A 370 -25.52 21.94 10.01
C LYS A 370 -25.62 20.54 9.43
N THR A 371 -26.61 20.30 8.59
CA THR A 371 -26.66 19.04 7.83
C THR A 371 -25.37 18.76 7.04
N LEU A 372 -24.90 19.77 6.31
CA LEU A 372 -23.65 19.63 5.57
C LEU A 372 -22.46 19.40 6.51
N GLN A 373 -22.47 20.10 7.63
CA GLN A 373 -21.33 20.07 8.53
C GLN A 373 -21.25 18.65 9.09
N THR A 374 -22.42 18.12 9.47
CA THR A 374 -22.57 16.76 9.95
C THR A 374 -22.09 15.75 8.92
N GLU A 375 -22.45 15.94 7.65
CA GLU A 375 -22.05 15.05 6.55
C GLU A 375 -20.52 15.06 6.36
N VAL A 376 -19.93 16.24 6.38
CA VAL A 376 -18.51 16.36 6.09
C VAL A 376 -17.73 15.78 7.26
N ARG A 377 -18.15 16.11 8.49
CA ARG A 377 -17.46 15.57 9.67
C ARG A 377 -17.52 14.03 9.69
N GLU A 378 -18.72 13.45 9.51
CA GLU A 378 -18.86 11.97 9.50
C GLU A 378 -17.97 11.30 8.44
N MET A 379 -17.84 11.95 7.29
CA MET A 379 -17.08 11.40 6.19
C MET A 379 -15.57 11.43 6.49
N ARG A 380 -15.10 12.58 6.96
CA ARG A 380 -13.74 12.73 7.47
C ARG A 380 -13.38 11.61 8.45
N GLU A 381 -14.23 11.38 9.43
CA GLU A 381 -13.93 10.41 10.49
C GLU A 381 -13.85 8.98 9.95
N LYS A 382 -14.75 8.64 9.02
CA LYS A 382 -14.71 7.36 8.35
C LYS A 382 -13.42 7.20 7.51
N MET A 383 -13.04 8.21 6.75
CA MET A 383 -11.74 8.16 6.08
C MET A 383 -10.59 7.94 7.06
N ARG A 384 -10.65 8.58 8.22
CA ARG A 384 -9.52 8.54 9.13
C ARG A 384 -9.35 7.16 9.74
N ALA A 385 -10.45 6.43 9.86
CA ALA A 385 -10.39 5.06 10.34
C ALA A 385 -9.75 4.09 9.34
N HIS A 386 -9.72 4.45 8.06
CA HIS A 386 -9.25 3.53 7.01
C HIS A 386 -7.94 3.97 6.38
N LEU A 387 -7.50 5.19 6.66
CA LEU A 387 -6.47 5.81 5.84
C LEU A 387 -5.30 6.32 6.66
N GLY A 388 -4.13 6.28 6.05
CA GLY A 388 -2.94 6.78 6.70
C GLY A 388 -2.32 5.73 7.59
N ASN A 389 -1.16 6.07 8.14
CA ASN A 389 -0.51 5.27 9.17
C ASN A 389 -1.34 5.16 10.47
N LYS A 390 -1.43 3.95 11.01
CA LYS A 390 -2.35 3.66 12.11
C LYS A 390 -1.65 3.58 13.45
N HIS A 391 -0.37 3.95 13.47
CA HIS A 391 0.36 3.86 14.72
C HIS A 391 0.22 5.10 15.57
N ARG A 392 0.00 4.87 16.86
CA ARG A 392 -0.28 5.94 17.79
C ARG A 392 0.91 6.92 17.88
N ASP A 393 2.13 6.41 17.80
CA ASP A 393 3.30 7.23 18.07
C ASP A 393 3.78 8.02 16.84
N ARG A 394 3.02 7.93 15.76
CA ARG A 394 3.42 8.59 14.53
C ARG A 394 2.35 9.60 14.08
N PHE A 395 2.76 10.60 13.32
CA PHE A 395 1.87 11.59 12.73
C PHE A 395 1.90 11.45 11.20
N ASP A 396 0.83 10.88 10.67
CA ASP A 396 0.62 10.87 9.24
C ASP A 396 0.23 12.27 8.77
N ILE A 397 1.13 12.88 8.01
CA ILE A 397 1.07 14.29 7.68
C ILE A 397 -0.21 14.59 6.91
N LYS A 398 -0.56 13.69 5.99
CA LYS A 398 -1.77 13.80 5.21
C LYS A 398 -3.01 13.41 6.00
N ALA A 399 -2.94 12.27 6.68
CA ALA A 399 -4.16 11.59 7.14
C ALA A 399 -4.63 11.88 8.58
N ASP A 400 -3.69 12.20 9.47
CA ASP A 400 -4.00 12.36 10.89
C ASP A 400 -4.66 13.69 11.27
N GLU A 401 -5.24 13.75 12.49
CA GLU A 401 -5.83 14.97 13.02
C GLU A 401 -4.84 16.12 12.95
N GLY A 402 -5.21 17.17 12.24
CA GLY A 402 -4.35 18.34 12.15
C GLY A 402 -3.44 18.26 10.95
N GLY A 403 -3.75 17.36 10.02
CA GLY A 403 -2.93 17.16 8.83
C GLY A 403 -3.58 17.74 7.58
N ILE A 404 -3.08 17.35 6.40
CA ILE A 404 -3.50 18.00 5.16
C ILE A 404 -4.96 17.75 4.78
N THR A 405 -5.44 16.52 4.95
CA THR A 405 -6.79 16.21 4.52
C THR A 405 -7.79 16.99 5.37
N ASP A 406 -7.45 17.20 6.65
CA ASP A 406 -8.24 18.08 7.52
C ASP A 406 -8.39 19.50 6.90
N ILE A 407 -7.29 20.06 6.42
CA ILE A 407 -7.36 21.39 5.84
C ILE A 407 -8.22 21.39 4.56
N GLU A 408 -8.02 20.37 3.76
CA GLU A 408 -8.72 20.20 2.51
C GLU A 408 -10.24 20.12 2.76
N PHE A 409 -10.62 19.44 3.83
CA PHE A 409 -12.01 19.25 4.10
C PHE A 409 -12.63 20.53 4.66
N ILE A 410 -11.85 21.28 5.42
CA ILE A 410 -12.27 22.60 5.92
C ILE A 410 -12.58 23.54 4.74
N THR A 411 -11.69 23.59 3.74
CA THR A 411 -11.90 24.44 2.56
C THR A 411 -13.08 23.97 1.71
N GLN A 412 -13.19 22.67 1.47
CA GLN A 412 -14.31 22.14 0.69
C GLN A 412 -15.61 22.39 1.44
N TYR A 413 -15.62 22.13 2.73
CA TYR A 413 -16.79 22.42 3.57
C TYR A 413 -17.29 23.87 3.41
N LEU A 414 -16.39 24.82 3.60
CA LEU A 414 -16.72 26.24 3.52
C LEU A 414 -17.18 26.74 2.14
N VAL A 415 -16.58 26.23 1.05
CA VAL A 415 -17.05 26.61 -0.28
C VAL A 415 -18.48 26.11 -0.50
N LEU A 416 -18.75 24.87 -0.10
CA LEU A 416 -20.06 24.28 -0.31
C LEU A 416 -21.11 24.95 0.56
N ARG A 417 -20.69 25.43 1.73
CA ARG A 417 -21.62 26.07 2.65
C ARG A 417 -21.96 27.49 2.20
N TYR A 418 -20.98 28.20 1.65
CA TYR A 418 -21.09 29.64 1.54
C TYR A 418 -21.10 30.14 0.11
N ALA A 419 -20.83 29.28 -0.85
CA ALA A 419 -20.81 29.72 -2.24
C ALA A 419 -22.14 30.32 -2.68
N HIS A 420 -23.25 29.79 -2.16
CA HIS A 420 -24.56 30.37 -2.48
C HIS A 420 -24.60 31.87 -2.16
N GLU A 421 -23.98 32.26 -1.06
CA GLU A 421 -24.01 33.62 -0.57
C GLU A 421 -22.88 34.43 -1.17
N LYS A 422 -21.76 33.77 -1.47
CA LYS A 422 -20.54 34.41 -1.97
C LYS A 422 -19.91 33.64 -3.14
N PRO A 423 -20.50 33.75 -4.34
CA PRO A 423 -20.14 32.94 -5.52
C PRO A 423 -18.69 33.04 -5.95
N LYS A 424 -18.01 34.13 -5.59
CA LYS A 424 -16.60 34.25 -5.92
C LYS A 424 -15.76 33.15 -5.25
N LEU A 425 -16.34 32.48 -4.26
CA LEU A 425 -15.64 31.39 -3.58
C LEU A 425 -15.32 30.25 -4.52
N THR A 426 -15.95 30.24 -5.70
CA THR A 426 -15.84 29.12 -6.65
C THR A 426 -14.65 29.28 -7.57
N ARG A 427 -14.02 30.44 -7.54
CA ARG A 427 -13.11 30.84 -8.59
C ARG A 427 -11.81 30.05 -8.72
N TRP A 428 -11.37 29.41 -7.64
CA TRP A 428 -10.14 28.64 -7.69
C TRP A 428 -10.37 27.32 -7.00
N SER A 429 -9.56 26.31 -7.32
CA SER A 429 -9.81 24.96 -6.85
C SER A 429 -8.71 24.43 -5.92
N ASP A 430 -7.68 25.24 -5.67
CA ASP A 430 -6.57 24.78 -4.81
C ASP A 430 -6.66 25.39 -3.41
N ASN A 431 -6.03 24.76 -2.41
CA ASN A 431 -6.23 25.24 -1.03
C ASN A 431 -5.72 26.66 -0.77
N VAL A 432 -4.55 26.99 -1.31
CA VAL A 432 -3.96 28.27 -1.04
C VAL A 432 -4.87 29.37 -1.55
N ARG A 433 -5.33 29.24 -2.79
CA ARG A 433 -6.19 30.25 -3.35
C ARG A 433 -7.65 30.24 -2.83
N ILE A 434 -8.16 29.06 -2.44
CA ILE A 434 -9.46 28.98 -1.75
C ILE A 434 -9.47 29.70 -0.41
N LEU A 435 -8.42 29.53 0.38
CA LEU A 435 -8.28 30.21 1.68
C LEU A 435 -8.23 31.74 1.55
N GLU A 436 -7.46 32.20 0.56
CA GLU A 436 -7.46 33.59 0.11
C GLU A 436 -8.89 34.06 -0.18
N LEU A 437 -9.60 33.32 -1.03
CA LEU A 437 -10.98 33.67 -1.41
C LEU A 437 -11.89 33.75 -0.19
N LEU A 438 -11.66 32.85 0.76
CA LEU A 438 -12.51 32.76 1.93
C LEU A 438 -12.31 34.00 2.81
N ALA A 439 -11.09 34.55 2.76
CA ALA A 439 -10.77 35.78 3.47
C ALA A 439 -11.32 36.99 2.73
N GLN A 440 -11.09 37.08 1.42
CA GLN A 440 -11.62 38.21 0.67
C GLN A 440 -13.13 38.38 0.82
N ASN A 441 -13.84 37.27 1.00
CA ASN A 441 -15.28 37.29 1.00
C ASN A 441 -15.85 37.11 2.41
N ASP A 442 -15.03 37.42 3.41
CA ASP A 442 -15.48 37.57 4.81
C ASP A 442 -16.11 36.31 5.41
N ILE A 443 -15.68 35.14 4.96
CA ILE A 443 -16.05 33.91 5.64
C ILE A 443 -15.10 33.66 6.81
N MET A 444 -13.82 33.87 6.56
CA MET A 444 -12.77 33.59 7.50
C MET A 444 -11.99 34.90 7.71
N GLU A 445 -11.53 35.13 8.93
CA GLU A 445 -10.63 36.22 9.21
C GLU A 445 -9.27 35.98 8.56
N GLU A 446 -8.60 37.05 8.18
CA GLU A 446 -7.29 36.94 7.53
C GLU A 446 -6.22 36.19 8.29
N GLN A 447 -6.08 36.44 9.59
CA GLN A 447 -5.11 35.69 10.40
C GLN A 447 -5.30 34.18 10.26
N GLU A 448 -6.55 33.71 10.40
CA GLU A 448 -6.83 32.28 10.31
C GLU A 448 -6.53 31.70 8.93
N ALA A 449 -6.96 32.40 7.88
CA ALA A 449 -6.82 31.90 6.52
C ALA A 449 -5.34 31.78 6.13
N MET A 450 -4.55 32.70 6.66
CA MET A 450 -3.11 32.72 6.46
C MET A 450 -2.40 31.67 7.31
N ALA A 451 -2.91 31.43 8.50
CA ALA A 451 -2.33 30.41 9.33
C ALA A 451 -2.60 29.03 8.72
N LEU A 452 -3.82 28.78 8.23
CA LEU A 452 -4.09 27.53 7.51
C LEU A 452 -3.26 27.40 6.23
N THR A 453 -3.10 28.50 5.50
CA THR A 453 -2.26 28.46 4.30
C THR A 453 -0.83 27.96 4.59
N ARG A 454 -0.17 28.57 5.56
CA ARG A 454 1.20 28.23 5.92
C ARG A 454 1.32 26.83 6.47
N ALA A 455 0.37 26.43 7.33
CA ALA A 455 0.38 25.09 7.84
C ALA A 455 0.24 24.14 6.67
N TYR A 456 -0.68 24.43 5.75
CA TYR A 456 -0.83 23.64 4.53
C TYR A 456 0.46 23.56 3.70
N THR A 457 1.06 24.70 3.37
CA THR A 457 2.25 24.64 2.50
C THR A 457 3.45 23.97 3.18
N THR A 458 3.59 24.17 4.49
CA THR A 458 4.61 23.51 5.33
C THR A 458 4.46 21.98 5.35
N LEU A 459 3.24 21.52 5.53
CA LEU A 459 2.98 20.10 5.57
C LEU A 459 3.15 19.49 4.18
N ARG A 460 2.67 20.18 3.17
CA ARG A 460 2.75 19.68 1.79
C ARG A 460 4.21 19.57 1.35
N ASP A 461 4.99 20.60 1.68
CA ASP A 461 6.42 20.66 1.32
C ASP A 461 7.32 19.69 2.09
N GLU A 462 6.94 19.38 3.33
CA GLU A 462 7.56 18.28 4.06
C GLU A 462 7.41 16.96 3.29
N LEU A 463 6.24 16.72 2.71
CA LEU A 463 6.05 15.49 1.96
C LEU A 463 7.03 15.40 0.78
N HIS A 464 7.28 16.54 0.11
CA HIS A 464 8.29 16.61 -0.95
C HIS A 464 9.69 16.24 -0.44
N HIS A 465 10.04 16.69 0.77
CA HIS A 465 11.34 16.38 1.36
C HIS A 465 11.41 14.87 1.64
N LEU A 466 10.31 14.32 2.14
CA LEU A 466 10.27 12.94 2.57
C LEU A 466 10.40 12.02 1.36
N ALA A 467 9.69 12.36 0.28
CA ALA A 467 9.86 11.75 -1.04
C ALA A 467 11.32 11.77 -1.46
N LEU A 468 11.98 12.92 -1.35
CA LEU A 468 13.36 13.03 -1.77
C LEU A 468 14.27 12.06 -0.99
N GLN A 469 13.81 11.68 0.22
CA GLN A 469 14.59 10.78 1.08
C GLN A 469 14.02 9.36 1.06
N GLU A 470 13.03 9.12 0.20
CA GLU A 470 12.42 7.80 0.12
C GLU A 470 11.98 7.36 1.51
N LEU A 471 11.50 8.31 2.31
CA LEU A 471 10.92 8.05 3.64
C LEU A 471 9.40 8.05 3.56
N PRO A 472 8.73 7.35 4.48
CA PRO A 472 7.24 7.34 4.41
C PRO A 472 6.60 8.65 4.86
N GLY A 473 5.32 8.83 4.54
CA GLY A 473 4.61 10.08 4.78
C GLY A 473 4.19 10.31 6.21
N HIS A 474 4.80 9.60 7.14
CA HIS A 474 4.51 9.80 8.55
C HIS A 474 5.78 10.09 9.30
N VAL A 475 5.69 11.03 10.24
CA VAL A 475 6.83 11.47 11.05
C VAL A 475 6.52 11.28 12.53
N SER A 476 7.53 11.45 13.37
CA SER A 476 7.35 11.39 14.82
C SER A 476 6.27 12.33 15.34
N GLU A 477 5.55 11.90 16.37
CA GLU A 477 4.51 12.74 16.99
C GLU A 477 5.07 14.00 17.65
N ASP A 478 6.38 14.05 17.88
CA ASP A 478 7.05 15.29 18.27
C ASP A 478 6.95 16.42 17.22
N CYS A 479 6.74 16.07 15.95
CA CYS A 479 6.86 17.03 14.86
C CYS A 479 5.59 17.86 14.62
N PHE A 480 5.78 19.08 14.12
CA PHE A 480 4.69 19.92 13.64
C PHE A 480 3.58 20.16 14.66
N THR A 481 3.93 20.24 15.93
CA THR A 481 2.90 20.39 16.96
C THR A 481 2.12 21.71 16.85
N ALA A 482 2.76 22.75 16.35
CA ALA A 482 2.11 24.05 16.17
C ALA A 482 1.15 24.02 14.98
N GLU A 483 1.58 23.41 13.87
CA GLU A 483 0.73 23.28 12.70
C GLU A 483 -0.51 22.48 13.03
N ARG A 484 -0.35 21.36 13.74
CA ARG A 484 -1.48 20.47 14.05
C ARG A 484 -2.48 21.13 15.02
N GLU A 485 -1.94 21.84 16.01
CA GLU A 485 -2.78 22.48 17.03
C GLU A 485 -3.68 23.53 16.38
N LEU A 486 -3.10 24.24 15.42
CA LEU A 486 -3.80 25.28 14.71
C LEU A 486 -4.83 24.71 13.75
N VAL A 487 -4.51 23.56 13.14
CA VAL A 487 -5.47 22.89 12.28
C VAL A 487 -6.59 22.19 13.05
N ARG A 488 -6.23 21.48 14.13
CA ARG A 488 -7.24 21.00 15.06
C ARG A 488 -8.21 22.09 15.55
N ALA A 489 -7.71 23.29 15.79
CA ALA A 489 -8.55 24.32 16.40
C ALA A 489 -9.52 24.86 15.37
N SER A 490 -9.04 24.99 14.13
CA SER A 490 -9.89 25.32 13.00
C SER A 490 -10.92 24.24 12.73
N TRP A 491 -10.49 22.98 12.75
CA TRP A 491 -11.40 21.84 12.61
C TRP A 491 -12.50 21.96 13.64
N GLN A 492 -12.11 22.06 14.90
CA GLN A 492 -13.03 22.27 16.00
C GLN A 492 -13.95 23.49 15.79
N LYS A 493 -13.39 24.60 15.30
CA LYS A 493 -14.15 25.83 15.10
C LYS A 493 -15.22 25.59 14.05
N TRP A 494 -14.82 25.11 12.88
CA TRP A 494 -15.72 25.02 11.75
C TRP A 494 -16.56 23.76 11.68
N LEU A 495 -16.03 22.62 12.14
CA LEU A 495 -16.65 21.34 11.82
C LEU A 495 -17.39 20.67 12.98
N VAL A 496 -17.18 21.17 14.19
CA VAL A 496 -17.76 20.55 15.38
C VAL A 496 -18.74 21.48 16.10
N GLU A 497 -18.52 22.79 16.01
CA GLU A 497 -19.39 23.78 16.65
C GLU A 497 -20.24 24.55 15.64
N SER B 1 22.30 -40.77 -9.68
CA SER B 1 23.34 -41.46 -10.47
C SER B 1 24.71 -40.86 -10.19
N GLU B 2 25.59 -40.98 -11.18
CA GLU B 2 26.90 -40.35 -11.12
C GLU B 2 26.77 -38.92 -11.62
N GLN B 3 25.85 -38.72 -12.56
CA GLN B 3 25.73 -37.48 -13.31
C GLN B 3 25.19 -36.33 -12.47
N TRP B 4 24.57 -36.65 -11.33
CA TRP B 4 24.08 -35.63 -10.42
C TRP B 4 25.20 -34.96 -9.64
N ARG B 5 26.16 -35.77 -9.17
CA ARG B 5 27.40 -35.24 -8.61
C ARG B 5 28.16 -34.43 -9.66
N GLU B 6 28.10 -34.89 -10.90
CA GLU B 6 28.71 -34.19 -12.04
C GLU B 6 28.04 -32.83 -12.32
N LEU B 7 26.73 -32.77 -12.12
CA LEU B 7 25.95 -31.58 -12.43
C LEU B 7 26.39 -30.38 -11.59
N TRP B 8 26.80 -30.67 -10.36
CA TRP B 8 27.19 -29.65 -9.40
C TRP B 8 28.69 -29.35 -9.51
N GLN B 9 29.50 -30.40 -9.57
CA GLN B 9 30.92 -30.26 -9.85
C GLN B 9 31.16 -29.36 -11.05
N ASP B 10 30.44 -29.62 -12.14
CA ASP B 10 30.59 -28.86 -13.37
C ASP B 10 29.35 -28.01 -13.65
N GLU B 14 27.72 -25.81 -16.31
CA GLU B 14 26.87 -25.14 -17.29
C GLU B 14 26.66 -25.97 -18.55
N ASP B 15 27.01 -27.26 -18.48
CA ASP B 15 27.00 -28.14 -19.65
C ASP B 15 25.58 -28.51 -20.06
N ASP B 16 25.31 -28.37 -21.36
CA ASP B 16 23.96 -28.35 -21.89
C ASP B 16 23.35 -29.74 -22.06
N THR B 17 24.13 -30.67 -22.59
CA THR B 17 23.59 -31.92 -23.10
C THR B 17 23.53 -33.03 -22.04
N THR B 18 23.58 -32.64 -20.77
CA THR B 18 23.50 -33.60 -19.68
C THR B 18 22.13 -34.29 -19.63
N PRO B 19 22.12 -35.63 -19.64
CA PRO B 19 20.90 -36.42 -19.82
C PRO B 19 19.88 -36.16 -18.71
N VAL B 20 20.35 -35.89 -17.50
CA VAL B 20 19.46 -35.67 -16.36
C VAL B 20 18.52 -34.50 -16.60
N LEU B 21 18.75 -33.77 -17.69
CA LEU B 21 18.00 -32.55 -17.97
C LEU B 21 17.21 -32.61 -19.27
N ALA B 22 17.36 -33.70 -20.02
CA ALA B 22 16.77 -33.79 -21.34
C ALA B 22 15.26 -33.53 -21.29
N HIS B 23 14.62 -33.92 -20.18
CA HIS B 23 13.16 -33.82 -20.05
C HIS B 23 12.64 -32.38 -20.16
N LEU B 24 13.49 -31.41 -19.86
CA LEU B 24 13.10 -30.00 -19.82
C LEU B 24 13.14 -29.34 -21.19
N SER B 25 12.55 -28.14 -21.29
CA SER B 25 12.57 -27.34 -22.51
C SER B 25 13.89 -26.58 -22.60
N GLU B 26 14.27 -26.19 -23.81
CA GLU B 26 15.49 -25.43 -24.02
C GLU B 26 15.66 -24.37 -22.94
N ASP B 27 14.71 -23.44 -22.93
CA ASP B 27 14.74 -22.31 -22.01
C ASP B 27 14.88 -22.76 -20.56
N ASP B 28 14.17 -23.83 -20.21
CA ASP B 28 14.13 -24.28 -18.82
C ASP B 28 15.42 -24.98 -18.41
N ARG B 29 15.94 -25.81 -19.31
CA ARG B 29 17.28 -26.35 -19.18
C ARG B 29 18.30 -25.22 -19.04
N LYS B 30 18.29 -24.30 -20.00
CA LYS B 30 19.15 -23.11 -19.98
C LYS B 30 19.01 -22.37 -18.65
N GLN B 31 17.76 -22.14 -18.24
CA GLN B 31 17.48 -21.43 -17.01
C GLN B 31 18.06 -22.14 -15.79
N VAL B 32 17.80 -23.45 -15.69
CA VAL B 32 18.27 -24.21 -14.55
C VAL B 32 19.78 -24.11 -14.39
N LEU B 33 20.51 -24.18 -15.51
CA LEU B 33 21.97 -24.12 -15.45
C LEU B 33 22.50 -22.74 -15.09
N THR B 34 21.78 -21.69 -15.52
CA THR B 34 22.08 -20.37 -15.01
C THR B 34 22.00 -20.36 -13.49
N LEU B 35 20.86 -20.79 -12.94
CA LEU B 35 20.65 -20.74 -11.48
C LEU B 35 21.67 -21.57 -10.73
N ILE B 36 22.10 -22.69 -11.33
CA ILE B 36 23.01 -23.60 -10.67
C ILE B 36 24.38 -22.97 -10.48
N ALA B 37 24.94 -22.42 -11.57
CA ALA B 37 26.26 -21.79 -11.53
C ALA B 37 26.19 -20.43 -10.86
N ASP B 38 25.03 -19.79 -10.92
CA ASP B 38 24.80 -18.56 -10.19
C ASP B 38 25.04 -18.81 -8.71
N PHE B 39 24.42 -19.88 -8.20
CA PHE B 39 24.56 -20.27 -6.82
C PHE B 39 25.99 -20.73 -6.50
N ARG B 40 26.63 -21.37 -7.49
CA ARG B 40 28.02 -21.78 -7.33
C ARG B 40 28.98 -20.59 -7.24
N LYS B 41 28.71 -19.55 -8.04
CA LYS B 41 29.51 -18.33 -7.99
C LYS B 41 29.25 -17.54 -6.71
N GLU B 42 28.06 -17.68 -6.14
CA GLU B 42 27.72 -17.11 -4.84
C GLU B 42 28.53 -17.71 -3.70
N LEU B 43 28.82 -19.02 -3.81
CA LEU B 43 29.58 -19.74 -2.80
C LEU B 43 31.02 -19.27 -2.67
N ASP B 44 31.61 -18.85 -3.77
CA ASP B 44 32.99 -18.37 -3.78
C ASP B 44 33.10 -16.94 -3.25
N LYS B 45 31.96 -16.30 -2.99
CA LYS B 45 31.91 -14.97 -2.39
C LYS B 45 31.93 -15.03 -0.86
N ARG B 46 30.96 -15.72 -0.28
CA ARG B 46 30.65 -15.58 1.14
C ARG B 46 31.43 -16.54 2.03
N THR B 47 32.36 -17.28 1.43
CA THR B 47 33.35 -18.07 2.17
C THR B 47 32.94 -18.28 3.64
N ILE B 48 32.63 -19.52 4.02
CA ILE B 48 32.39 -19.84 5.43
C ILE B 48 33.55 -20.60 6.08
N GLY B 49 33.75 -21.86 5.68
CA GLY B 49 34.85 -22.66 6.23
C GLY B 49 34.61 -24.14 6.11
N PRO B 50 35.65 -24.94 6.41
CA PRO B 50 35.67 -26.38 6.10
C PRO B 50 34.37 -27.07 6.48
N ARG B 51 33.90 -26.83 7.71
CA ARG B 51 32.64 -27.39 8.18
C ARG B 51 31.53 -27.18 7.15
N GLY B 52 31.39 -25.93 6.70
CA GLY B 52 30.30 -25.55 5.80
C GLY B 52 30.41 -26.11 4.40
N ARG B 53 31.55 -25.84 3.75
CA ARG B 53 31.72 -26.18 2.33
C ARG B 53 31.37 -27.64 2.04
N GLN B 54 31.87 -28.53 2.90
CA GLN B 54 31.65 -29.97 2.73
C GLN B 54 30.17 -30.35 2.66
N VAL B 55 29.43 -30.04 3.71
CA VAL B 55 28.03 -30.44 3.80
C VAL B 55 27.26 -29.99 2.57
N LEU B 56 27.53 -28.78 2.11
CA LEU B 56 26.93 -28.30 0.88
C LEU B 56 27.17 -29.23 -0.30
N ASP B 57 28.39 -29.74 -0.42
CA ASP B 57 28.74 -30.61 -1.53
C ASP B 57 28.11 -32.01 -1.48
N HIS B 58 27.80 -32.49 -0.27
CA HIS B 58 27.04 -33.73 -0.12
C HIS B 58 25.54 -33.46 -0.23
N LEU B 59 25.15 -32.23 0.10
CA LEU B 59 23.74 -31.86 0.03
C LEU B 59 23.30 -31.64 -1.41
N MET B 60 24.10 -30.89 -2.16
CA MET B 60 23.65 -30.28 -3.40
C MET B 60 23.33 -31.29 -4.49
N PRO B 61 24.17 -32.35 -4.61
CA PRO B 61 23.86 -33.40 -5.58
C PRO B 61 22.52 -34.07 -5.28
N HIS B 62 22.29 -34.42 -4.02
CA HIS B 62 20.99 -34.95 -3.62
C HIS B 62 19.85 -33.96 -3.84
N LEU B 63 20.05 -32.72 -3.41
CA LEU B 63 19.06 -31.66 -3.61
C LEU B 63 18.69 -31.49 -5.09
N LEU B 64 19.69 -31.31 -5.95
CA LEU B 64 19.44 -31.05 -7.37
C LEU B 64 18.74 -32.22 -8.08
N SER B 65 19.06 -33.45 -7.70
CA SER B 65 18.47 -34.62 -8.35
C SER B 65 16.97 -34.73 -8.14
N ASP B 66 16.48 -34.08 -7.10
CA ASP B 66 15.04 -33.99 -6.89
C ASP B 66 14.42 -32.73 -7.52
N VAL B 67 14.94 -31.56 -7.19
CA VAL B 67 14.47 -30.33 -7.83
C VAL B 67 14.42 -30.49 -9.36
N CYS B 68 15.51 -31.00 -9.93
CA CYS B 68 15.67 -30.94 -11.39
C CYS B 68 14.93 -32.06 -12.12
N ALA B 69 14.43 -33.06 -11.40
CA ALA B 69 13.59 -34.08 -12.00
C ALA B 69 12.16 -33.60 -12.24
N ARG B 70 11.74 -32.59 -11.48
CA ARG B 70 10.38 -32.06 -11.56
C ARG B 70 10.11 -31.25 -12.85
N GLU B 71 8.83 -31.19 -13.21
CA GLU B 71 8.41 -30.38 -14.35
C GLU B 71 8.70 -28.90 -14.11
N ASP B 72 8.53 -28.47 -12.87
CA ASP B 72 8.64 -27.05 -12.50
C ASP B 72 10.03 -26.65 -11.99
N ALA B 73 11.06 -27.31 -12.51
CA ALA B 73 12.39 -27.23 -11.94
C ALA B 73 12.95 -25.81 -11.95
N ALA B 74 12.70 -25.08 -13.04
CA ALA B 74 13.35 -23.78 -13.21
C ALA B 74 12.84 -22.76 -12.17
N VAL B 75 11.54 -22.73 -11.95
CA VAL B 75 10.95 -21.87 -10.94
C VAL B 75 11.25 -22.41 -9.53
N THR B 76 11.19 -23.73 -9.36
CA THR B 76 11.38 -24.34 -8.06
C THR B 76 12.81 -24.16 -7.56
N LEU B 77 13.78 -24.42 -8.42
CA LEU B 77 15.19 -24.19 -8.07
C LEU B 77 15.44 -22.74 -7.63
N SER B 78 14.99 -21.77 -8.44
CA SER B 78 15.20 -20.36 -8.12
C SER B 78 14.77 -20.05 -6.68
N ARG B 79 13.59 -20.54 -6.31
CA ARG B 79 13.10 -20.41 -4.94
C ARG B 79 14.04 -21.08 -3.95
N ILE B 80 14.55 -22.26 -4.31
CA ILE B 80 15.34 -23.01 -3.36
C ILE B 80 16.74 -22.42 -3.13
N THR B 81 17.37 -21.92 -4.19
CA THR B 81 18.67 -21.28 -4.04
C THR B 81 18.57 -19.99 -3.23
N ALA B 82 17.45 -19.29 -3.39
CA ALA B 82 17.25 -18.03 -2.68
C ALA B 82 17.12 -18.29 -1.18
N LEU B 83 16.84 -19.52 -0.83
CA LEU B 83 16.64 -19.89 0.56
C LEU B 83 17.95 -20.34 1.17
N LEU B 84 18.67 -21.21 0.45
CA LEU B 84 19.99 -21.67 0.91
C LEU B 84 20.96 -20.51 1.06
N VAL B 85 20.96 -19.63 0.07
CA VAL B 85 21.86 -18.50 0.07
C VAL B 85 21.79 -17.79 1.41
N GLY B 86 20.56 -17.58 1.89
CA GLY B 86 20.34 -17.01 3.21
C GLY B 86 21.02 -17.75 4.35
N ILE B 87 21.06 -19.08 4.30
CA ILE B 87 21.49 -19.89 5.45
C ILE B 87 22.81 -20.61 5.18
N VAL B 88 23.44 -20.29 4.05
CA VAL B 88 24.70 -20.91 3.65
C VAL B 88 25.77 -20.81 4.73
N THR B 89 25.60 -19.85 5.65
CA THR B 89 26.54 -19.66 6.75
C THR B 89 26.30 -20.66 7.88
N ARG B 90 25.04 -20.85 8.25
CA ARG B 90 24.67 -21.64 9.42
C ARG B 90 24.67 -23.12 9.09
N THR B 91 25.69 -23.82 9.59
CA THR B 91 25.94 -25.22 9.22
C THR B 91 24.88 -26.12 9.85
N THR B 92 24.55 -25.82 11.10
CA THR B 92 23.56 -26.62 11.83
C THR B 92 22.22 -26.77 11.10
N TYR B 93 21.90 -25.83 10.20
CA TYR B 93 20.67 -25.90 9.39
C TYR B 93 20.85 -26.69 8.09
N LEU B 94 22.02 -26.57 7.47
CA LEU B 94 22.34 -27.38 6.28
C LEU B 94 22.44 -28.86 6.64
N GLU B 95 23.06 -29.14 7.78
CA GLU B 95 23.09 -30.50 8.32
C GLU B 95 21.67 -31.04 8.42
N LEU B 96 20.77 -30.21 8.93
CA LEU B 96 19.38 -30.61 9.10
C LEU B 96 18.77 -31.10 7.79
N LEU B 97 19.25 -30.55 6.68
CA LEU B 97 18.77 -30.98 5.36
C LEU B 97 19.55 -32.19 4.87
N SER B 98 20.85 -32.20 5.13
CA SER B 98 21.73 -33.29 4.72
C SER B 98 21.39 -34.60 5.43
N GLU B 99 21.26 -34.54 6.76
CA GLU B 99 20.95 -35.70 7.58
C GLU B 99 19.63 -36.38 7.20
N PHE B 100 18.65 -35.60 6.77
CA PHE B 100 17.25 -36.03 6.85
C PHE B 100 16.56 -35.97 5.50
N PRO B 101 16.64 -37.05 4.72
CA PRO B 101 15.84 -37.12 3.51
C PRO B 101 14.45 -36.49 3.69
N ALA B 102 13.72 -36.93 4.72
CA ALA B 102 12.36 -36.42 4.91
C ALA B 102 12.29 -34.88 4.83
N ALA B 103 13.09 -34.19 5.64
CA ALA B 103 13.10 -32.74 5.65
C ALA B 103 13.32 -32.16 4.25
N LEU B 104 14.35 -32.61 3.56
CA LEU B 104 14.65 -32.08 2.23
C LEU B 104 13.49 -32.29 1.24
N LYS B 105 12.90 -33.48 1.24
CA LYS B 105 11.76 -33.79 0.39
C LYS B 105 10.58 -32.82 0.62
N HIS B 106 10.25 -32.59 1.89
CA HIS B 106 9.23 -31.60 2.23
C HIS B 106 9.62 -30.17 1.91
N LEU B 107 10.87 -29.80 2.20
CA LEU B 107 11.38 -28.51 1.76
C LEU B 107 11.00 -28.29 0.30
N ILE B 108 11.29 -29.29 -0.54
CA ILE B 108 11.17 -29.11 -1.99
C ILE B 108 9.71 -29.05 -2.48
N SER B 109 8.88 -29.99 -2.04
CA SER B 109 7.49 -30.01 -2.51
C SER B 109 6.78 -28.73 -2.07
N LEU B 110 6.98 -28.33 -0.82
CA LEU B 110 6.39 -27.09 -0.30
C LEU B 110 6.82 -25.85 -1.07
N CYS B 111 8.12 -25.74 -1.34
CA CYS B 111 8.67 -24.61 -2.11
C CYS B 111 8.26 -24.66 -3.59
N ALA B 112 8.07 -25.85 -4.13
CA ALA B 112 7.55 -26.01 -5.47
C ALA B 112 6.12 -25.46 -5.62
N ALA B 113 5.29 -25.81 -4.64
CA ALA B 113 3.87 -25.48 -4.64
C ALA B 113 3.55 -24.03 -4.24
N SER B 114 4.43 -23.38 -3.48
CA SER B 114 4.11 -22.06 -2.91
C SER B 114 5.27 -21.11 -2.61
N PRO B 115 5.34 -19.96 -3.30
CA PRO B 115 6.43 -19.03 -2.95
C PRO B 115 6.27 -18.38 -1.57
N MET B 116 5.05 -18.26 -1.07
CA MET B 116 4.83 -17.79 0.31
C MET B 116 5.62 -18.59 1.34
N ILE B 117 5.60 -19.91 1.22
CA ILE B 117 6.24 -20.79 2.17
C ILE B 117 7.73 -20.78 1.92
N ALA B 118 8.11 -20.76 0.64
CA ALA B 118 9.51 -20.55 0.28
C ALA B 118 10.11 -19.30 0.97
N SER B 119 9.46 -18.14 0.81
CA SER B 119 9.93 -16.88 1.42
C SER B 119 9.98 -16.99 2.94
N GLN B 120 8.94 -17.59 3.51
CA GLN B 120 8.82 -17.70 4.95
C GLN B 120 9.97 -18.51 5.55
N LEU B 121 10.29 -19.63 4.92
CA LEU B 121 11.37 -20.47 5.39
C LEU B 121 12.69 -19.73 5.20
N ALA B 122 12.77 -18.91 4.15
CA ALA B 122 14.01 -18.21 3.89
C ALA B 122 14.21 -17.17 4.98
N ARG B 123 13.10 -16.52 5.34
CA ARG B 123 13.11 -15.52 6.40
C ARG B 123 13.26 -16.12 7.81
N TYR B 124 12.62 -17.26 8.07
CA TYR B 124 12.62 -17.86 9.42
C TYR B 124 13.16 -19.29 9.43
N PRO B 125 14.47 -19.46 9.20
CA PRO B 125 15.07 -20.78 9.03
C PRO B 125 14.95 -21.76 10.23
N LEU B 126 14.66 -21.24 11.42
CA LEU B 126 14.24 -22.12 12.52
C LEU B 126 13.03 -23.01 12.16
N LEU B 127 12.23 -22.55 11.20
CA LEU B 127 11.09 -23.35 10.73
C LEU B 127 11.50 -24.69 10.14
N LEU B 128 12.77 -24.81 9.73
CA LEU B 128 13.24 -25.99 9.01
C LEU B 128 13.08 -27.22 9.89
N ASP B 129 13.11 -27.00 11.19
CA ASP B 129 12.83 -28.02 12.20
C ASP B 129 11.41 -28.59 12.08
N GLU B 130 10.52 -27.83 11.44
CA GLU B 130 9.13 -28.26 11.30
C GLU B 130 8.98 -29.25 10.16
N LEU B 131 10.03 -29.43 9.36
CA LEU B 131 9.93 -30.23 8.16
C LEU B 131 10.29 -31.68 8.48
N LEU B 132 10.85 -31.87 9.68
CA LEU B 132 11.26 -33.19 10.15
C LEU B 132 10.08 -34.19 10.19
N ASP B 133 8.89 -33.71 10.53
CA ASP B 133 7.78 -34.59 10.87
C ASP B 133 6.48 -34.32 10.12
N PRO B 134 6.21 -35.10 9.06
CA PRO B 134 5.00 -34.97 8.26
C PRO B 134 3.75 -35.00 9.11
N ASN B 135 3.80 -35.75 10.22
CA ASN B 135 2.63 -35.89 11.07
C ASN B 135 2.16 -34.58 11.68
N THR B 136 3.08 -33.66 11.95
CA THR B 136 2.68 -32.33 12.43
C THR B 136 2.74 -31.30 11.31
N LEU B 137 3.69 -31.46 10.40
CA LEU B 137 3.81 -30.52 9.29
C LEU B 137 2.48 -30.33 8.57
N TYR B 138 1.69 -31.40 8.51
CA TYR B 138 0.53 -31.45 7.62
C TYR B 138 -0.76 -31.68 8.38
N GLN B 139 -0.67 -31.78 9.70
CA GLN B 139 -1.86 -31.77 10.55
C GLN B 139 -1.85 -30.54 11.43
N PRO B 140 -2.67 -29.55 11.09
CA PRO B 140 -2.69 -28.30 11.84
C PRO B 140 -3.13 -28.59 13.27
N THR B 141 -2.78 -27.69 14.18
CA THR B 141 -3.20 -27.80 15.57
C THR B 141 -4.73 -27.82 15.61
N ALA B 142 -5.31 -28.73 16.39
CA ALA B 142 -6.75 -28.70 16.60
C ALA B 142 -7.20 -27.32 17.07
N THR B 143 -8.37 -26.89 16.59
CA THR B 143 -8.83 -25.53 16.86
C THR B 143 -8.96 -25.22 18.34
N ASP B 144 -9.25 -26.22 19.16
CA ASP B 144 -9.37 -25.98 20.60
C ASP B 144 -8.03 -26.11 21.35
N ALA B 145 -6.95 -26.32 20.61
CA ALA B 145 -5.67 -26.66 21.26
C ALA B 145 -4.63 -25.54 21.15
N TYR B 146 -4.92 -24.53 20.33
CA TYR B 146 -4.03 -23.40 20.16
C TYR B 146 -3.52 -22.75 21.45
N ARG B 147 -4.41 -22.51 22.43
CA ARG B 147 -3.97 -21.91 23.69
C ARG B 147 -3.04 -22.89 24.44
N ASP B 148 -3.41 -24.17 24.43
CA ASP B 148 -2.62 -25.18 25.13
C ASP B 148 -1.22 -25.35 24.52
N GLU B 149 -1.11 -25.32 23.20
CA GLU B 149 0.17 -25.55 22.55
C GLU B 149 1.06 -24.34 22.78
N LEU B 150 0.47 -23.16 22.69
CA LEU B 150 1.19 -21.92 22.98
C LEU B 150 1.74 -21.93 24.41
N ARG B 151 0.93 -22.34 25.37
CA ARG B 151 1.30 -22.21 26.77
C ARG B 151 2.38 -23.24 27.09
N GLN B 152 2.36 -24.32 26.33
CA GLN B 152 3.38 -25.33 26.41
C GLN B 152 4.67 -24.86 25.75
N TYR B 153 4.56 -24.23 24.57
CA TYR B 153 5.72 -23.59 23.94
C TYR B 153 6.39 -22.57 24.86
N LEU B 154 5.62 -21.87 25.68
CA LEU B 154 6.18 -20.80 26.52
C LEU B 154 6.75 -21.26 27.85
N LEU B 155 6.51 -22.52 28.20
CA LEU B 155 6.88 -22.99 29.52
C LEU B 155 8.35 -22.71 29.85
N ARG B 156 9.24 -22.88 28.88
CA ARG B 156 10.69 -22.91 29.17
C ARG B 156 11.30 -21.52 28.99
N VAL B 157 10.42 -20.55 28.81
CA VAL B 157 10.81 -19.17 28.62
C VAL B 157 10.70 -18.44 29.96
N PRO B 158 11.82 -17.85 30.43
CA PRO B 158 11.81 -17.15 31.72
C PRO B 158 10.73 -16.07 31.76
N GLU B 159 10.06 -15.95 32.89
CA GLU B 159 8.80 -15.20 32.97
C GLU B 159 9.04 -13.69 32.84
N ASP B 160 10.22 -13.26 33.26
CA ASP B 160 10.54 -11.85 33.45
C ASP B 160 11.24 -11.23 32.24
N ASP B 161 11.66 -12.06 31.29
CA ASP B 161 12.43 -11.58 30.15
C ASP B 161 11.50 -11.31 28.98
N GLU B 162 11.06 -10.06 28.87
CA GLU B 162 10.11 -9.64 27.85
C GLU B 162 10.62 -10.00 26.47
N GLU B 163 11.92 -9.81 26.26
CA GLU B 163 12.51 -10.05 24.96
C GLU B 163 12.35 -11.50 24.52
N GLN B 164 12.64 -12.44 25.42
CA GLN B 164 12.47 -13.87 25.12
C GLN B 164 11.02 -14.32 24.95
N GLN B 165 10.11 -13.82 25.79
CA GLN B 165 8.67 -14.03 25.58
C GLN B 165 8.29 -13.55 24.17
N LEU B 166 8.64 -12.31 23.85
CA LEU B 166 8.26 -11.76 22.55
C LEU B 166 8.75 -12.63 21.41
N GLU B 167 9.95 -13.16 21.56
CA GLU B 167 10.53 -13.94 20.52
C GLU B 167 9.88 -15.31 20.43
N ALA B 168 9.54 -15.90 21.57
CA ALA B 168 8.85 -17.17 21.59
C ALA B 168 7.49 -17.00 20.88
N LEU B 169 6.82 -15.90 21.16
CA LEU B 169 5.50 -15.71 20.56
C LEU B 169 5.61 -15.60 19.03
N ARG B 170 6.59 -14.84 18.55
CA ARG B 170 6.89 -14.74 17.12
C ARG B 170 7.25 -16.08 16.47
N GLN B 171 8.16 -16.84 17.09
CA GLN B 171 8.48 -18.19 16.63
C GLN B 171 7.24 -19.09 16.51
N PHE B 172 6.41 -19.12 17.56
CA PHE B 172 5.24 -19.98 17.56
C PHE B 172 4.24 -19.58 16.45
N LYS B 173 4.04 -18.28 16.25
CA LYS B 173 3.09 -17.81 15.27
C LYS B 173 3.52 -18.26 13.87
N GLN B 174 4.80 -18.07 13.57
CA GLN B 174 5.37 -18.47 12.30
C GLN B 174 5.23 -19.96 12.06
N ALA B 175 5.53 -20.75 13.09
CA ALA B 175 5.41 -22.20 12.99
C ALA B 175 3.98 -22.64 12.71
N GLN B 176 3.01 -21.92 13.25
CA GLN B 176 1.63 -22.30 13.05
C GLN B 176 1.16 -21.82 11.69
N LEU B 177 1.68 -20.68 11.25
CA LEU B 177 1.42 -20.19 9.91
C LEU B 177 1.95 -21.17 8.86
N LEU B 178 3.09 -21.78 9.16
CA LEU B 178 3.68 -22.73 8.23
C LEU B 178 2.78 -23.96 8.14
N ARG B 179 2.32 -24.45 9.29
CA ARG B 179 1.50 -25.66 9.32
C ARG B 179 0.11 -25.48 8.70
N ILE B 180 -0.53 -24.36 8.98
CA ILE B 180 -1.78 -24.05 8.32
C ILE B 180 -1.61 -24.03 6.80
N ALA B 181 -0.60 -23.28 6.34
CA ALA B 181 -0.33 -23.15 4.90
C ALA B 181 0.01 -24.49 4.26
N ALA B 182 0.87 -25.28 4.90
CA ALA B 182 1.28 -26.56 4.34
C ALA B 182 0.08 -27.54 4.28
N ALA B 183 -0.76 -27.49 5.29
CA ALA B 183 -1.97 -28.32 5.28
C ALA B 183 -2.88 -27.93 4.11
N ASP B 184 -3.08 -26.63 3.95
CA ASP B 184 -3.89 -26.06 2.87
C ASP B 184 -3.32 -26.60 1.57
N ILE B 185 -2.00 -26.43 1.40
CA ILE B 185 -1.30 -26.72 0.17
C ILE B 185 -1.36 -28.19 -0.19
N ALA B 186 -1.15 -29.07 0.79
CA ALA B 186 -1.07 -30.50 0.50
C ALA B 186 -2.47 -31.08 0.49
N GLY B 187 -3.45 -30.25 0.82
CA GLY B 187 -4.84 -30.64 0.71
C GLY B 187 -5.38 -31.45 1.86
N THR B 188 -4.71 -31.40 3.02
CA THR B 188 -5.21 -32.07 4.22
C THR B 188 -6.00 -31.13 5.12
N LEU B 189 -5.97 -29.84 4.82
CA LEU B 189 -6.88 -28.92 5.46
C LEU B 189 -7.70 -28.23 4.39
N PRO B 190 -9.02 -28.39 4.44
CA PRO B 190 -9.85 -27.72 3.44
C PRO B 190 -9.58 -26.22 3.46
N VAL B 191 -9.57 -25.59 2.29
CA VAL B 191 -9.44 -24.14 2.29
C VAL B 191 -10.60 -23.48 3.05
N MET B 192 -11.73 -24.16 3.11
CA MET B 192 -12.87 -23.61 3.86
C MET B 192 -12.52 -23.34 5.32
N LYS B 193 -11.43 -23.93 5.83
CA LYS B 193 -11.13 -23.90 7.26
C LYS B 193 -9.90 -23.07 7.62
N VAL B 194 -9.27 -22.48 6.61
CA VAL B 194 -8.06 -21.72 6.81
C VAL B 194 -8.34 -20.47 7.65
N SER B 195 -9.38 -19.72 7.30
CA SER B 195 -9.69 -18.54 8.10
C SER B 195 -9.98 -18.94 9.53
N ASP B 196 -10.73 -20.01 9.71
CA ASP B 196 -11.04 -20.52 11.06
C ASP B 196 -9.75 -20.72 11.83
N HIS B 197 -8.77 -21.38 11.20
CA HIS B 197 -7.50 -21.62 11.87
C HIS B 197 -6.71 -20.34 12.18
N LEU B 198 -6.57 -19.47 11.19
CA LEU B 198 -5.85 -18.22 11.42
C LEU B 198 -6.48 -17.42 12.57
N THR B 199 -7.80 -17.56 12.73
CA THR B 199 -8.55 -16.84 13.76
C THR B 199 -8.38 -17.46 15.15
N TRP B 200 -8.46 -18.78 15.24
CA TRP B 200 -8.15 -19.46 16.51
C TRP B 200 -6.71 -19.15 16.96
N LEU B 201 -5.79 -19.13 16.01
CA LEU B 201 -4.41 -18.76 16.29
C LEU B 201 -4.34 -17.34 16.86
N ALA B 202 -4.93 -16.39 16.14
CA ALA B 202 -4.91 -15.00 16.56
C ALA B 202 -5.44 -14.87 18.00
N GLU B 203 -6.51 -15.57 18.33
CA GLU B 203 -7.07 -15.41 19.67
C GLU B 203 -6.14 -16.02 20.71
N ALA B 204 -5.38 -17.03 20.31
CA ALA B 204 -4.45 -17.65 21.24
C ALA B 204 -3.30 -16.68 21.51
N MET B 205 -2.83 -16.04 20.46
CA MET B 205 -1.78 -15.03 20.56
C MET B 205 -2.26 -13.90 21.44
N ILE B 206 -3.49 -13.45 21.21
CA ILE B 206 -4.06 -12.36 21.99
C ILE B 206 -4.08 -12.77 23.46
N ASP B 207 -4.57 -13.96 23.76
CA ASP B 207 -4.55 -14.46 25.14
C ASP B 207 -3.14 -14.39 25.77
N ALA B 208 -2.13 -14.84 25.05
CA ALA B 208 -0.77 -14.86 25.60
C ALA B 208 -0.24 -13.46 25.83
N VAL B 209 -0.62 -12.54 24.94
CA VAL B 209 -0.14 -11.17 25.04
C VAL B 209 -0.79 -10.44 26.21
N VAL B 210 -2.10 -10.61 26.36
CA VAL B 210 -2.76 -10.05 27.54
C VAL B 210 -2.06 -10.58 28.82
N GLN B 211 -1.85 -11.89 28.87
CA GLN B 211 -1.26 -12.54 30.02
C GLN B 211 0.05 -11.86 30.37
N GLN B 212 0.86 -11.62 29.35
CA GLN B 212 2.17 -11.04 29.54
C GLN B 212 2.14 -9.55 29.94
N ALA B 213 1.29 -8.76 29.29
CA ALA B 213 1.07 -7.39 29.73
C ALA B 213 0.56 -7.38 31.16
N TRP B 214 -0.41 -8.24 31.48
CA TRP B 214 -1.00 -8.31 32.84
C TRP B 214 0.06 -8.51 33.93
N VAL B 215 0.94 -9.49 33.73
CA VAL B 215 2.01 -9.77 34.68
C VAL B 215 2.88 -8.53 34.87
N GLN B 216 3.24 -7.88 33.76
CA GLN B 216 4.04 -6.67 33.84
C GLN B 216 3.35 -5.55 34.63
N MET B 217 2.08 -5.31 34.34
CA MET B 217 1.37 -4.21 34.97
C MET B 217 1.17 -4.48 36.44
N VAL B 218 0.92 -5.74 36.79
CA VAL B 218 0.75 -6.11 38.18
C VAL B 218 2.04 -5.97 39.01
N ALA B 219 3.18 -6.26 38.41
CA ALA B 219 4.42 -6.10 39.15
C ALA B 219 4.75 -4.63 39.41
N ARG B 220 4.28 -3.75 38.53
CA ARG B 220 4.58 -2.33 38.63
C ARG B 220 3.57 -1.61 39.54
N TYR B 221 2.29 -1.92 39.35
CA TYR B 221 1.21 -1.21 40.03
C TYR B 221 0.50 -2.05 41.10
N GLY B 222 0.65 -3.36 41.04
CA GLY B 222 -0.29 -4.25 41.72
C GLY B 222 -1.54 -4.39 40.87
N LYS B 223 -2.62 -4.89 41.46
CA LYS B 223 -3.84 -5.07 40.68
C LYS B 223 -4.98 -4.24 41.24
N PRO B 224 -5.92 -3.83 40.38
CA PRO B 224 -7.00 -2.98 40.87
C PRO B 224 -7.78 -3.67 41.98
N ASN B 225 -8.22 -2.91 42.98
CA ASN B 225 -8.62 -3.50 44.26
C ASN B 225 -10.07 -3.99 44.34
N HIS B 226 -10.83 -3.82 43.26
CA HIS B 226 -12.21 -4.31 43.19
C HIS B 226 -12.28 -5.73 42.65
N LEU B 227 -11.12 -6.28 42.31
CA LEU B 227 -11.04 -7.61 41.73
C LEU B 227 -11.13 -8.72 42.78
N ASN B 228 -10.83 -8.38 44.04
CA ASN B 228 -10.95 -9.31 45.17
C ASN B 228 -12.28 -10.03 45.12
N GLU B 229 -13.31 -9.28 44.81
CA GLU B 229 -14.66 -9.82 44.73
C GLU B 229 -15.14 -9.90 43.27
N ARG B 230 -14.20 -10.14 42.35
CA ARG B 230 -14.53 -10.45 40.96
C ARG B 230 -14.11 -11.86 40.59
N GLU B 231 -14.75 -12.43 39.58
CA GLU B 231 -14.35 -13.74 39.06
C GLU B 231 -13.22 -13.60 38.04
N GLY B 232 -13.15 -12.47 37.34
CA GLY B 232 -12.17 -12.29 36.29
C GLY B 232 -11.42 -10.97 36.31
N ARG B 233 -10.61 -10.74 35.30
CA ARG B 233 -9.68 -9.62 35.34
C ARG B 233 -10.31 -8.25 35.06
N GLY B 234 -11.53 -8.26 34.52
CA GLY B 234 -12.28 -7.03 34.28
C GLY B 234 -11.78 -6.26 33.06
N PHE B 235 -11.19 -6.96 32.11
CA PHE B 235 -10.70 -6.34 30.88
C PHE B 235 -11.18 -7.20 29.71
N ALA B 236 -11.50 -6.56 28.59
CA ALA B 236 -11.91 -7.28 27.39
C ALA B 236 -11.22 -6.72 26.17
N VAL B 237 -10.83 -7.62 25.26
CA VAL B 237 -10.41 -7.23 23.94
C VAL B 237 -11.54 -7.62 23.01
N VAL B 238 -11.96 -6.64 22.22
CA VAL B 238 -12.99 -6.82 21.19
C VAL B 238 -12.34 -6.86 19.82
N GLY B 239 -12.65 -7.90 19.05
CA GLY B 239 -12.20 -8.04 17.67
C GLY B 239 -13.21 -7.46 16.69
N TYR B 240 -12.74 -6.52 15.86
CA TYR B 240 -13.57 -5.95 14.78
C TYR B 240 -13.09 -6.56 13.46
N GLY B 241 -13.63 -6.06 12.35
CA GLY B 241 -13.15 -6.39 11.02
C GLY B 241 -12.99 -7.87 10.73
N LYS B 242 -11.91 -8.23 10.03
CA LYS B 242 -11.69 -9.62 9.66
C LYS B 242 -11.57 -10.58 10.85
N LEU B 243 -11.01 -10.11 11.97
CA LEU B 243 -10.88 -10.94 13.16
C LEU B 243 -12.26 -11.17 13.75
N GLY B 244 -13.01 -10.08 13.85
CA GLY B 244 -14.35 -10.15 14.39
C GLY B 244 -15.22 -11.01 13.50
N GLY B 245 -14.88 -11.07 12.22
CA GLY B 245 -15.74 -11.72 11.23
C GLY B 245 -15.24 -13.09 10.80
N TRP B 246 -14.25 -13.63 11.51
CA TRP B 246 -13.75 -14.98 11.25
C TRP B 246 -13.25 -15.09 9.80
N GLU B 247 -12.51 -14.07 9.36
CA GLU B 247 -12.22 -13.87 7.94
C GLU B 247 -10.75 -13.55 7.71
N LEU B 248 -9.94 -13.92 8.69
CA LEU B 248 -8.53 -13.57 8.73
C LEU B 248 -7.77 -14.25 7.58
N GLY B 249 -6.75 -13.58 7.04
CA GLY B 249 -5.85 -14.19 6.06
C GLY B 249 -4.43 -14.39 6.59
N TYR B 250 -3.53 -14.93 5.78
CA TYR B 250 -2.20 -15.22 6.31
C TYR B 250 -1.46 -13.98 6.81
N SER B 251 -1.67 -12.82 6.20
CA SER B 251 -1.00 -11.64 6.74
C SER B 251 -1.89 -10.47 7.15
N SER B 252 -3.10 -10.79 7.61
CA SER B 252 -4.06 -9.79 8.10
C SER B 252 -3.61 -9.07 9.39
N ASP B 253 -3.95 -7.79 9.47
CA ASP B 253 -3.95 -7.05 10.72
C ASP B 253 -4.95 -7.68 11.69
N LEU B 254 -4.86 -7.30 12.96
CA LEU B 254 -5.93 -7.51 13.94
C LEU B 254 -6.53 -6.18 14.28
N ASP B 255 -7.84 -6.05 14.11
CA ASP B 255 -8.55 -4.85 14.52
C ASP B 255 -9.08 -5.03 15.95
N LEU B 256 -8.52 -4.29 16.90
CA LEU B 256 -8.85 -4.50 18.31
C LEU B 256 -9.30 -3.22 18.93
N ILE B 257 -10.19 -3.33 19.91
CA ILE B 257 -10.40 -2.28 20.89
C ILE B 257 -10.49 -2.92 22.27
N PHE B 258 -10.45 -2.09 23.31
CA PHE B 258 -10.28 -2.58 24.68
C PHE B 258 -11.33 -1.94 25.58
N LEU B 259 -11.97 -2.76 26.40
CA LEU B 259 -12.97 -2.27 27.35
C LEU B 259 -12.61 -2.75 28.77
N HIS B 260 -13.04 -2.02 29.77
CA HIS B 260 -13.00 -2.48 31.15
C HIS B 260 -14.36 -2.16 31.78
N ASP B 261 -14.64 -2.76 32.95
CA ASP B 261 -15.80 -2.36 33.76
C ASP B 261 -15.42 -1.84 35.15
N CYS B 262 -14.38 -1.01 35.20
CA CYS B 262 -13.78 -0.58 36.46
C CYS B 262 -14.49 0.63 37.07
N PRO B 263 -14.97 0.52 38.32
CA PRO B 263 -15.50 1.65 39.12
C PRO B 263 -14.59 2.86 39.11
N MET B 264 -15.16 4.07 39.22
CA MET B 264 -14.34 5.28 39.26
C MET B 264 -13.29 5.17 40.35
N ASP B 265 -13.66 4.55 41.46
CA ASP B 265 -12.96 4.76 42.72
C ASP B 265 -11.96 3.65 43.10
N ALA B 266 -11.80 2.66 42.23
CA ALA B 266 -10.81 1.60 42.46
C ALA B 266 -9.37 2.11 42.38
N MET B 267 -8.49 1.50 43.19
CA MET B 267 -7.06 1.82 43.21
C MET B 267 -6.24 0.52 43.13
N THR B 268 -5.00 0.59 42.65
CA THR B 268 -4.15 -0.60 42.61
C THR B 268 -3.39 -0.81 43.94
N ASP B 269 -2.92 -2.04 44.17
CA ASP B 269 -2.41 -2.42 45.49
C ASP B 269 -0.91 -2.71 45.54
N GLY B 270 -0.20 -2.31 44.49
CA GLY B 270 1.25 -2.55 44.42
C GLY B 270 2.04 -1.37 44.91
N GLU B 271 3.22 -1.16 44.32
CA GLU B 271 4.18 -0.17 44.83
C GLU B 271 3.87 1.23 44.31
N ARG B 272 3.54 1.33 43.02
CA ARG B 272 2.99 2.56 42.46
C ARG B 272 1.47 2.46 42.45
N GLU B 273 0.84 3.07 43.45
CA GLU B 273 -0.61 3.02 43.65
C GLU B 273 -1.29 3.96 42.68
N ILE B 274 -2.06 3.38 41.75
CA ILE B 274 -2.73 4.16 40.72
C ILE B 274 -4.22 3.87 40.62
N ASP B 275 -4.90 4.81 39.98
CA ASP B 275 -6.32 4.75 39.67
C ASP B 275 -6.62 3.53 38.80
N GLY B 276 -7.69 2.81 39.14
CA GLY B 276 -8.08 1.59 38.45
C GLY B 276 -8.20 1.72 36.93
N ARG B 277 -8.91 2.76 36.48
CA ARG B 277 -9.03 3.02 35.03
C ARG B 277 -7.68 3.25 34.36
N GLN B 278 -6.78 3.94 35.06
CA GLN B 278 -5.45 4.19 34.54
C GLN B 278 -4.67 2.88 34.40
N PHE B 279 -4.83 1.98 35.37
CA PHE B 279 -4.26 0.67 35.25
C PHE B 279 -4.66 0.01 33.92
N TYR B 280 -5.95 0.05 33.59
CA TYR B 280 -6.38 -0.66 32.39
C TYR B 280 -5.92 0.07 31.12
N LEU B 281 -5.74 1.38 31.23
CA LEU B 281 -5.10 2.14 30.15
C LEU B 281 -3.66 1.69 29.94
N ARG B 282 -2.86 1.67 30.99
CA ARG B 282 -1.47 1.27 30.82
C ARG B 282 -1.41 -0.17 30.31
N LEU B 283 -2.30 -1.01 30.80
CA LEU B 283 -2.44 -2.39 30.27
C LEU B 283 -2.63 -2.43 28.75
N ALA B 284 -3.60 -1.67 28.25
CA ALA B 284 -3.87 -1.71 26.82
C ALA B 284 -2.69 -1.12 26.05
N GLN B 285 -2.03 -0.13 26.62
CA GLN B 285 -0.86 0.47 25.96
C GLN B 285 0.23 -0.56 25.81
N ARG B 286 0.47 -1.31 26.88
CA ARG B 286 1.48 -2.35 26.88
C ARG B 286 1.13 -3.47 25.92
N ILE B 287 -0.13 -3.88 25.88
CA ILE B 287 -0.54 -4.89 24.90
C ILE B 287 -0.13 -4.41 23.50
N MET B 288 -0.53 -3.20 23.16
CA MET B 288 -0.22 -2.62 21.85
C MET B 288 1.29 -2.66 21.61
N HIS B 289 2.06 -2.29 22.63
CA HIS B 289 3.51 -2.31 22.54
C HIS B 289 4.07 -3.71 22.26
N LEU B 290 3.50 -4.71 22.94
CA LEU B 290 3.94 -6.09 22.80
C LEU B 290 3.65 -6.65 21.39
N PHE B 291 2.46 -6.36 20.86
CA PHE B 291 2.14 -6.72 19.47
C PHE B 291 3.09 -6.11 18.45
N SER B 292 3.50 -4.86 18.66
CA SER B 292 4.17 -4.11 17.61
C SER B 292 5.72 -4.14 17.64
N THR B 293 6.31 -4.32 18.83
CA THR B 293 7.78 -4.36 19.00
C THR B 293 8.44 -5.28 17.97
N ARG B 294 9.54 -4.81 17.38
CA ARG B 294 10.25 -5.59 16.36
C ARG B 294 11.43 -6.33 16.96
N THR B 295 11.27 -7.63 17.17
CA THR B 295 12.33 -8.45 17.74
C THR B 295 13.15 -9.14 16.64
N SER B 296 13.48 -8.39 15.59
CA SER B 296 14.37 -8.87 14.49
C SER B 296 13.82 -10.08 13.73
N SER B 297 12.94 -10.85 14.38
CA SER B 297 12.04 -11.78 13.68
C SER B 297 10.69 -11.10 13.39
N GLY B 298 10.74 -9.78 13.25
CA GLY B 298 9.61 -9.00 12.81
C GLY B 298 8.70 -8.68 13.97
N ILE B 299 7.46 -8.39 13.65
CA ILE B 299 6.52 -8.07 14.69
C ILE B 299 5.49 -9.19 14.87
N LEU B 300 4.81 -9.19 16.00
CA LEU B 300 3.85 -10.27 16.29
C LEU B 300 2.62 -10.13 15.41
N TYR B 301 1.92 -9.01 15.53
CA TYR B 301 0.85 -8.67 14.61
C TYR B 301 0.79 -7.15 14.43
N GLU B 302 0.38 -6.70 13.25
CA GLU B 302 -0.08 -5.32 13.10
C GLU B 302 -1.43 -5.18 13.78
N VAL B 303 -1.55 -4.22 14.69
CA VAL B 303 -2.82 -3.95 15.34
C VAL B 303 -3.38 -2.60 14.93
N ASP B 304 -4.64 -2.61 14.50
CA ASP B 304 -5.37 -1.40 14.17
C ASP B 304 -6.45 -1.19 15.22
N ALA B 305 -6.24 -0.20 16.08
CA ALA B 305 -7.22 0.19 17.09
C ALA B 305 -7.97 1.47 16.68
N ARG B 306 -8.04 1.74 15.39
CA ARG B 306 -8.64 3.00 14.94
C ARG B 306 -10.16 3.07 15.10
N LEU B 307 -10.81 1.92 15.32
CA LEU B 307 -12.27 1.89 15.40
C LEU B 307 -12.81 2.14 16.81
N ARG B 308 -11.92 2.33 17.78
CA ARG B 308 -12.37 2.66 19.13
C ARG B 308 -13.22 3.94 19.11
N PRO B 309 -14.01 4.19 20.17
CA PRO B 309 -14.77 5.44 20.25
C PRO B 309 -13.87 6.65 20.02
N SER B 310 -14.23 7.51 19.07
CA SER B 310 -13.43 8.69 18.70
C SER B 310 -12.12 8.42 17.94
N GLY B 311 -11.95 7.18 17.47
CA GLY B 311 -10.77 6.83 16.66
C GLY B 311 -9.46 7.08 17.37
N ALA B 312 -8.41 7.36 16.59
CA ALA B 312 -7.09 7.60 17.16
C ALA B 312 -7.05 8.73 18.21
N ALA B 313 -8.02 9.64 18.19
CA ALA B 313 -8.11 10.68 19.23
C ALA B 313 -8.73 10.21 20.56
N GLY B 314 -9.37 9.06 20.56
CA GLY B 314 -10.03 8.59 21.79
C GLY B 314 -9.06 7.93 22.75
N MET B 315 -9.48 7.79 24.01
CA MET B 315 -8.76 6.96 24.98
C MET B 315 -8.54 5.58 24.37
N LEU B 316 -7.45 4.94 24.72
CA LEU B 316 -7.15 3.61 24.20
C LEU B 316 -8.00 2.52 24.86
N VAL B 317 -8.62 2.84 25.99
CA VAL B 317 -9.54 1.92 26.63
C VAL B 317 -10.80 2.69 27.04
N THR B 318 -11.93 2.00 27.07
CA THR B 318 -13.21 2.58 27.49
C THR B 318 -13.91 1.67 28.50
N SER B 319 -14.64 2.25 29.45
CA SER B 319 -15.59 1.42 30.21
C SER B 319 -16.72 0.98 29.29
N ALA B 320 -17.39 -0.11 29.65
CA ALA B 320 -18.45 -0.65 28.80
C ALA B 320 -19.65 0.29 28.82
N GLU B 321 -19.81 1.00 29.94
CA GLU B 321 -20.89 1.95 30.05
C GLU B 321 -20.66 3.18 29.19
N ALA B 322 -19.44 3.71 29.22
CA ALA B 322 -19.06 4.81 28.34
C ALA B 322 -19.16 4.33 26.89
N PHE B 323 -18.74 3.09 26.67
CA PHE B 323 -18.88 2.49 25.34
C PHE B 323 -20.34 2.46 24.86
N ALA B 324 -21.25 2.04 25.74
CA ALA B 324 -22.66 2.01 25.37
C ALA B 324 -23.18 3.42 25.05
N ASP B 325 -22.91 4.38 25.93
CA ASP B 325 -23.36 5.76 25.75
C ASP B 325 -22.89 6.32 24.41
N TYR B 326 -21.63 6.06 24.09
CA TYR B 326 -21.02 6.59 22.88
C TYR B 326 -21.74 6.03 21.67
N GLN B 327 -21.98 4.73 21.66
CA GLN B 327 -22.59 4.09 20.52
C GLN B 327 -24.02 4.59 20.31
N LYS B 328 -24.69 5.01 21.38
CA LYS B 328 -26.07 5.50 21.29
C LYS B 328 -26.11 6.98 20.92
N ASN B 329 -25.27 7.76 21.57
CA ASN B 329 -25.32 9.21 21.40
C ASN B 329 -24.44 9.74 20.27
N GLU B 330 -23.31 9.09 20.02
CA GLU B 330 -22.28 9.70 19.19
C GLU B 330 -21.98 8.94 17.91
N ALA B 331 -21.96 7.61 17.98
CA ALA B 331 -21.51 6.76 16.89
C ALA B 331 -22.27 7.06 15.60
N TRP B 332 -21.53 7.12 14.48
CA TRP B 332 -22.11 7.21 13.13
C TRP B 332 -22.62 5.86 12.67
N THR B 333 -23.42 5.87 11.63
CA THR B 333 -23.92 4.63 11.12
C THR B 333 -22.76 3.72 10.70
N TRP B 334 -21.74 4.28 10.08
CA TRP B 334 -20.60 3.47 9.66
C TRP B 334 -19.94 2.82 10.86
N GLU B 335 -20.02 3.46 12.02
CA GLU B 335 -19.52 2.83 13.24
C GLU B 335 -20.45 1.70 13.71
N HIS B 336 -21.76 1.90 13.59
CA HIS B 336 -22.68 0.80 13.89
C HIS B 336 -22.46 -0.36 12.95
N GLN B 337 -22.14 -0.06 11.69
CA GLN B 337 -21.92 -1.10 10.69
C GLN B 337 -20.76 -1.96 11.10
N ALA B 338 -19.73 -1.34 11.65
CA ALA B 338 -18.48 -2.03 11.97
C ALA B 338 -18.76 -2.91 13.17
N LEU B 339 -19.55 -2.37 14.07
CA LEU B 339 -19.91 -3.06 15.28
C LEU B 339 -20.66 -4.35 14.99
N VAL B 340 -21.32 -4.44 13.84
CA VAL B 340 -21.99 -5.69 13.46
C VAL B 340 -21.00 -6.86 13.48
N ARG B 341 -19.79 -6.61 12.97
CA ARG B 341 -18.76 -7.65 12.87
C ARG B 341 -18.08 -7.98 14.21
N ALA B 342 -18.29 -7.13 15.22
CA ALA B 342 -17.41 -7.11 16.40
C ALA B 342 -17.82 -8.21 17.37
N ARG B 343 -16.84 -8.80 18.04
CA ARG B 343 -17.12 -9.76 19.09
C ARG B 343 -15.98 -9.84 20.10
N VAL B 344 -16.28 -10.27 21.33
CA VAL B 344 -15.25 -10.42 22.35
C VAL B 344 -14.27 -11.53 22.00
N VAL B 345 -12.98 -11.21 21.91
CA VAL B 345 -11.99 -12.25 21.66
C VAL B 345 -11.12 -12.55 22.87
N TYR B 346 -11.12 -11.68 23.88
CA TYR B 346 -10.58 -11.94 25.22
C TYR B 346 -11.46 -11.21 26.23
N GLY B 347 -11.82 -11.88 27.32
CA GLY B 347 -12.66 -11.28 28.36
C GLY B 347 -13.28 -12.30 29.30
N ASP B 348 -13.39 -11.98 30.58
CA ASP B 348 -14.18 -12.81 31.50
C ASP B 348 -15.65 -12.89 31.06
N PRO B 349 -16.45 -13.76 31.70
CA PRO B 349 -17.86 -13.98 31.30
C PRO B 349 -18.77 -12.79 31.61
N GLN B 350 -18.55 -12.15 32.76
CA GLN B 350 -19.28 -10.95 33.15
C GLN B 350 -19.16 -9.86 32.09
N LEU B 351 -17.92 -9.51 31.73
CA LEU B 351 -17.68 -8.41 30.80
C LEU B 351 -18.10 -8.82 29.38
N THR B 352 -17.86 -10.09 29.05
CA THR B 352 -18.30 -10.63 27.78
C THR B 352 -19.82 -10.45 27.61
N ALA B 353 -20.57 -10.75 28.67
CA ALA B 353 -22.02 -10.61 28.69
C ALA B 353 -22.45 -9.15 28.64
N HIS B 354 -21.72 -8.30 29.36
CA HIS B 354 -21.97 -6.87 29.28
C HIS B 354 -21.79 -6.38 27.84
N PHE B 355 -20.65 -6.70 27.23
CA PHE B 355 -20.47 -6.30 25.83
C PHE B 355 -21.57 -6.84 24.91
N ASP B 356 -21.86 -8.13 25.03
CA ASP B 356 -22.85 -8.76 24.14
C ASP B 356 -24.20 -8.03 24.27
N ALA B 357 -24.53 -7.60 25.48
CA ALA B 357 -25.81 -6.93 25.71
C ALA B 357 -25.83 -5.54 25.08
N VAL B 358 -24.70 -4.84 25.20
CA VAL B 358 -24.52 -3.51 24.58
C VAL B 358 -24.63 -3.57 23.06
N ARG B 359 -23.87 -4.47 22.44
CA ARG B 359 -23.85 -4.54 21.00
C ARG B 359 -25.25 -4.88 20.54
N ARG B 360 -25.90 -5.80 21.24
CA ARG B 360 -27.27 -6.18 20.93
C ARG B 360 -28.22 -4.98 21.02
N GLU B 361 -28.07 -4.14 22.07
CA GLU B 361 -28.80 -2.86 22.18
C GLU B 361 -28.62 -1.98 20.93
N ILE B 362 -27.37 -1.86 20.50
CA ILE B 362 -27.04 -1.09 19.31
C ILE B 362 -27.61 -1.67 18.03
N MET B 363 -27.44 -2.98 17.82
CA MET B 363 -28.00 -3.59 16.61
C MET B 363 -29.51 -3.33 16.50
N THR B 364 -30.20 -3.45 17.64
CA THR B 364 -31.64 -3.47 17.61
C THR B 364 -32.27 -2.08 17.75
N LEU B 365 -31.47 -1.02 17.68
CA LEU B 365 -32.03 0.35 17.77
C LEU B 365 -33.00 0.51 16.62
N PRO B 366 -34.14 1.19 16.85
CA PRO B 366 -34.98 1.41 15.68
C PRO B 366 -34.43 2.49 14.73
N ARG B 367 -34.52 2.19 13.44
CA ARG B 367 -33.94 3.04 12.39
C ARG B 367 -34.99 3.25 11.28
N GLU B 368 -35.07 4.48 10.77
CA GLU B 368 -35.75 4.71 9.49
C GLU B 368 -35.05 3.93 8.37
N GLY B 369 -35.82 3.10 7.67
CA GLY B 369 -35.28 2.17 6.70
C GLY B 369 -34.65 2.82 5.47
N LYS B 370 -35.39 3.69 4.79
CA LYS B 370 -34.86 4.33 3.57
C LYS B 370 -33.59 5.14 3.85
N THR B 371 -33.60 5.90 4.95
CA THR B 371 -32.46 6.68 5.40
C THR B 371 -31.22 5.81 5.68
N LEU B 372 -31.43 4.69 6.36
CA LEU B 372 -30.35 3.77 6.63
C LEU B 372 -29.82 3.23 5.30
N GLN B 373 -30.74 2.82 4.44
CA GLN B 373 -30.39 2.31 3.13
C GLN B 373 -29.52 3.32 2.35
N THR B 374 -29.98 4.58 2.31
CA THR B 374 -29.22 5.68 1.72
C THR B 374 -27.82 5.84 2.33
N GLU B 375 -27.70 5.74 3.65
CA GLU B 375 -26.42 5.96 4.35
C GLU B 375 -25.38 4.87 4.02
N VAL B 376 -25.84 3.61 4.01
CA VAL B 376 -24.99 2.49 3.63
C VAL B 376 -24.55 2.61 2.15
N ARG B 377 -25.49 2.90 1.26
CA ARG B 377 -25.16 2.94 -0.16
C ARG B 377 -24.10 4.00 -0.40
N GLU B 378 -24.31 5.17 0.18
CA GLU B 378 -23.49 6.34 -0.07
C GLU B 378 -22.07 6.12 0.45
N MET B 379 -21.97 5.40 1.56
CA MET B 379 -20.68 5.11 2.17
C MET B 379 -19.88 4.04 1.41
N ARG B 380 -20.57 3.00 0.96
CA ARG B 380 -19.98 2.00 0.09
C ARG B 380 -19.33 2.67 -1.11
N GLU B 381 -20.07 3.55 -1.76
CA GLU B 381 -19.61 4.18 -2.99
C GLU B 381 -18.40 5.09 -2.71
N LYS B 382 -18.45 5.86 -1.62
CA LYS B 382 -17.30 6.63 -1.21
C LYS B 382 -16.06 5.74 -1.08
N MET B 383 -16.21 4.61 -0.37
CA MET B 383 -15.08 3.75 -0.07
C MET B 383 -14.55 3.16 -1.36
N ARG B 384 -15.47 2.75 -2.23
CA ARG B 384 -15.09 2.22 -3.53
C ARG B 384 -14.29 3.21 -4.37
N ALA B 385 -14.50 4.50 -4.16
CA ALA B 385 -13.76 5.50 -4.91
C ALA B 385 -12.33 5.61 -4.41
N HIS B 386 -12.07 5.12 -3.18
CA HIS B 386 -10.72 5.17 -2.60
C HIS B 386 -10.01 3.81 -2.51
N LEU B 387 -10.72 2.72 -2.81
CA LEU B 387 -10.24 1.38 -2.46
C LEU B 387 -10.37 0.36 -3.60
N GLY B 388 -11.38 0.52 -4.44
CA GLY B 388 -11.72 -0.48 -5.49
C GLY B 388 -10.89 -0.33 -6.76
N ASN B 389 -10.33 -1.43 -7.27
CA ASN B 389 -9.05 -1.36 -8.00
C ASN B 389 -9.02 -0.25 -9.04
N LYS B 390 -7.95 0.52 -9.01
CA LYS B 390 -7.56 1.28 -10.18
C LYS B 390 -7.45 0.24 -11.29
N HIS B 391 -7.90 0.61 -12.49
CA HIS B 391 -7.72 -0.21 -13.70
C HIS B 391 -8.93 -1.07 -13.98
N ARG B 392 -9.65 -0.71 -15.04
CA ARG B 392 -10.94 -1.33 -15.34
C ARG B 392 -10.76 -2.83 -15.43
N ASP B 393 -9.81 -3.23 -16.28
CA ASP B 393 -9.64 -4.60 -16.75
C ASP B 393 -9.34 -5.63 -15.66
N ARG B 394 -9.25 -5.20 -14.41
CA ARG B 394 -9.00 -6.14 -13.34
C ARG B 394 -10.18 -6.21 -12.38
N PHE B 395 -10.40 -7.37 -11.78
CA PHE B 395 -11.39 -7.51 -10.73
C PHE B 395 -10.73 -7.65 -9.36
N ASP B 396 -10.91 -6.63 -8.53
CA ASP B 396 -10.44 -6.64 -7.16
C ASP B 396 -11.48 -7.30 -6.27
N ILE B 397 -11.10 -8.43 -5.68
CA ILE B 397 -12.05 -9.36 -5.13
C ILE B 397 -12.74 -8.76 -3.91
N LYS B 398 -12.01 -7.99 -3.13
CA LYS B 398 -12.55 -7.35 -1.95
C LYS B 398 -13.29 -6.08 -2.38
N ALA B 399 -12.63 -5.26 -3.16
CA ALA B 399 -13.13 -3.91 -3.35
C ALA B 399 -14.18 -3.67 -4.43
N ASP B 400 -14.14 -4.38 -5.55
CA ASP B 400 -14.98 -4.01 -6.69
C ASP B 400 -16.43 -4.49 -6.56
N GLU B 401 -17.28 -3.97 -7.45
CA GLU B 401 -18.69 -4.36 -7.53
C GLU B 401 -18.75 -5.87 -7.61
N GLY B 402 -19.67 -6.46 -6.85
CA GLY B 402 -19.86 -7.91 -6.90
C GLY B 402 -18.91 -8.62 -5.94
N GLY B 403 -18.06 -7.87 -5.24
CA GLY B 403 -17.01 -8.47 -4.43
C GLY B 403 -17.34 -8.59 -2.96
N ILE B 404 -16.32 -8.81 -2.13
CA ILE B 404 -16.51 -9.10 -0.72
C ILE B 404 -17.07 -7.98 0.15
N THR B 405 -16.57 -6.74 -0.02
CA THR B 405 -17.08 -5.62 0.78
C THR B 405 -18.55 -5.34 0.46
N ASP B 406 -18.96 -5.59 -0.79
CA ASP B 406 -20.36 -5.50 -1.18
C ASP B 406 -21.21 -6.44 -0.33
N ILE B 407 -20.73 -7.67 -0.15
CA ILE B 407 -21.46 -8.66 0.63
C ILE B 407 -21.45 -8.27 2.11
N GLU B 408 -20.32 -7.74 2.55
CA GLU B 408 -20.20 -7.30 3.93
C GLU B 408 -21.19 -6.17 4.21
N PHE B 409 -21.33 -5.25 3.26
CA PHE B 409 -22.28 -4.15 3.43
C PHE B 409 -23.75 -4.59 3.37
N ILE B 410 -24.02 -5.66 2.62
CA ILE B 410 -25.37 -6.17 2.49
C ILE B 410 -25.79 -6.76 3.83
N THR B 411 -24.91 -7.56 4.43
CA THR B 411 -25.22 -8.15 5.74
C THR B 411 -25.29 -7.08 6.81
N GLN B 412 -24.45 -6.06 6.72
CA GLN B 412 -24.51 -4.97 7.70
C GLN B 412 -25.78 -4.14 7.55
N TYR B 413 -26.10 -3.74 6.34
CA TYR B 413 -27.39 -3.10 6.11
C TYR B 413 -28.54 -3.88 6.76
N LEU B 414 -28.68 -5.14 6.38
CA LEU B 414 -29.88 -5.89 6.71
C LEU B 414 -29.99 -6.10 8.22
N VAL B 415 -28.86 -6.33 8.88
CA VAL B 415 -28.90 -6.49 10.32
C VAL B 415 -29.31 -5.20 11.01
N LEU B 416 -28.68 -4.09 10.63
CA LEU B 416 -29.02 -2.80 11.23
C LEU B 416 -30.47 -2.44 10.96
N ARG B 417 -30.99 -2.82 9.80
CA ARG B 417 -32.37 -2.51 9.49
C ARG B 417 -33.39 -3.36 10.24
N TYR B 418 -33.13 -4.66 10.30
CA TYR B 418 -34.20 -5.55 10.71
C TYR B 418 -34.05 -6.12 12.12
N ALA B 419 -32.91 -5.86 12.77
CA ALA B 419 -32.67 -6.43 14.09
C ALA B 419 -33.68 -5.93 15.13
N HIS B 420 -34.20 -4.72 14.96
CA HIS B 420 -35.20 -4.22 15.89
C HIS B 420 -36.44 -5.10 15.90
N GLU B 421 -36.87 -5.55 14.71
CA GLU B 421 -37.95 -6.52 14.59
C GLU B 421 -37.46 -7.93 14.91
N LYS B 422 -36.25 -8.26 14.48
CA LYS B 422 -35.78 -9.64 14.60
C LYS B 422 -34.47 -9.72 15.36
N PRO B 423 -34.52 -9.57 16.70
CA PRO B 423 -33.31 -9.51 17.52
C PRO B 423 -32.41 -10.73 17.41
N LYS B 424 -32.95 -11.87 16.98
CA LYS B 424 -32.09 -13.04 16.70
C LYS B 424 -31.01 -12.77 15.66
N LEU B 425 -31.20 -11.74 14.83
CA LEU B 425 -30.17 -11.36 13.85
C LEU B 425 -28.85 -10.96 14.48
N THR B 426 -28.87 -10.61 15.77
CA THR B 426 -27.65 -10.15 16.41
C THR B 426 -26.74 -11.29 16.88
N ARG B 427 -27.16 -12.55 16.73
CA ARG B 427 -26.49 -13.67 17.40
C ARG B 427 -25.07 -13.97 16.91
N TRP B 428 -24.79 -13.76 15.63
CA TRP B 428 -23.44 -14.01 15.15
C TRP B 428 -22.91 -12.85 14.33
N SER B 429 -21.60 -12.74 14.25
CA SER B 429 -21.01 -11.57 13.65
C SER B 429 -20.26 -11.82 12.34
N ASP B 430 -20.17 -13.08 11.90
CA ASP B 430 -19.53 -13.41 10.62
C ASP B 430 -20.56 -13.58 9.50
N ASN B 431 -20.14 -13.37 8.24
CA ASN B 431 -21.10 -13.29 7.14
C ASN B 431 -21.86 -14.59 6.93
N VAL B 432 -21.18 -15.73 7.04
CA VAL B 432 -21.84 -17.00 6.76
C VAL B 432 -23.02 -17.14 7.71
N ARG B 433 -22.76 -17.01 8.99
CA ARG B 433 -23.83 -17.20 9.97
C ARG B 433 -24.85 -16.06 10.02
N ILE B 434 -24.45 -14.84 9.66
CA ILE B 434 -25.45 -13.75 9.54
C ILE B 434 -26.45 -14.08 8.42
N LEU B 435 -25.91 -14.50 7.27
CA LEU B 435 -26.70 -14.87 6.12
C LEU B 435 -27.68 -15.99 6.47
N GLU B 436 -27.26 -16.89 7.35
CA GLU B 436 -28.11 -17.99 7.76
C GLU B 436 -29.16 -17.49 8.77
N LEU B 437 -28.78 -16.50 9.57
CA LEU B 437 -29.76 -15.79 10.39
C LEU B 437 -30.79 -15.05 9.53
N LEU B 438 -30.33 -14.42 8.45
CA LEU B 438 -31.25 -13.67 7.62
C LEU B 438 -32.33 -14.57 6.99
N ALA B 439 -31.96 -15.81 6.68
CA ALA B 439 -32.90 -16.78 6.12
C ALA B 439 -33.79 -17.35 7.20
N GLN B 440 -33.18 -17.74 8.31
CA GLN B 440 -33.91 -18.27 9.46
C GLN B 440 -35.03 -17.34 9.90
N ASN B 441 -34.76 -16.03 9.87
CA ASN B 441 -35.70 -15.04 10.34
C ASN B 441 -36.56 -14.41 9.24
N ASP B 442 -36.56 -15.06 8.07
CA ASP B 442 -37.40 -14.66 6.95
C ASP B 442 -37.14 -13.25 6.43
N ILE B 443 -35.90 -12.78 6.52
CA ILE B 443 -35.55 -11.55 5.82
C ILE B 443 -35.21 -11.85 4.35
N MET B 444 -34.29 -12.80 4.12
CA MET B 444 -34.00 -13.29 2.78
C MET B 444 -34.66 -14.64 2.54
N GLU B 445 -34.99 -14.91 1.29
CA GLU B 445 -35.16 -16.29 0.84
C GLU B 445 -33.87 -17.09 1.03
N GLU B 446 -34.03 -18.32 1.52
CA GLU B 446 -32.97 -19.33 1.55
C GLU B 446 -32.04 -19.35 0.33
N GLN B 447 -32.64 -19.32 -0.84
CA GLN B 447 -31.94 -19.45 -2.09
C GLN B 447 -30.90 -18.33 -2.26
N GLU B 448 -31.33 -17.10 -2.02
CA GLU B 448 -30.49 -15.93 -2.08
C GLU B 448 -29.41 -15.91 -0.99
N ALA B 449 -29.77 -16.26 0.25
CA ALA B 449 -28.80 -16.36 1.34
C ALA B 449 -27.67 -17.31 0.98
N MET B 450 -28.04 -18.49 0.49
CA MET B 450 -27.07 -19.52 0.16
C MET B 450 -26.22 -19.15 -1.04
N ALA B 451 -26.81 -18.46 -2.00
CA ALA B 451 -26.10 -17.95 -3.17
C ALA B 451 -25.04 -16.94 -2.75
N LEU B 452 -25.44 -16.00 -1.88
CA LEU B 452 -24.48 -15.04 -1.33
C LEU B 452 -23.44 -15.72 -0.49
N THR B 453 -23.83 -16.80 0.19
CA THR B 453 -22.93 -17.48 1.12
C THR B 453 -21.84 -18.16 0.32
N ARG B 454 -22.20 -18.76 -0.80
CA ARG B 454 -21.23 -19.45 -1.64
C ARG B 454 -20.32 -18.44 -2.36
N ALA B 455 -20.90 -17.34 -2.84
CA ALA B 455 -20.11 -16.30 -3.47
C ALA B 455 -19.08 -15.80 -2.46
N TYR B 456 -19.48 -15.69 -1.20
CA TYR B 456 -18.58 -15.12 -0.21
C TYR B 456 -17.39 -16.04 0.07
N THR B 457 -17.68 -17.30 0.39
CA THR B 457 -16.62 -18.23 0.69
C THR B 457 -15.76 -18.47 -0.54
N THR B 458 -16.34 -18.39 -1.73
CA THR B 458 -15.57 -18.62 -2.93
C THR B 458 -14.57 -17.49 -3.12
N LEU B 459 -14.99 -16.26 -2.80
CA LEU B 459 -14.13 -15.09 -2.97
C LEU B 459 -13.05 -15.02 -1.89
N ARG B 460 -13.46 -15.11 -0.62
CA ARG B 460 -12.55 -15.22 0.53
C ARG B 460 -11.44 -16.24 0.32
N ASP B 461 -11.84 -17.43 -0.14
CA ASP B 461 -10.91 -18.54 -0.24
C ASP B 461 -9.97 -18.39 -1.46
N GLU B 462 -10.43 -17.70 -2.49
CA GLU B 462 -9.51 -17.35 -3.58
C GLU B 462 -8.39 -16.44 -3.04
N LEU B 463 -8.71 -15.65 -2.02
CA LEU B 463 -7.70 -14.78 -1.47
C LEU B 463 -6.61 -15.56 -0.75
N HIS B 464 -6.99 -16.67 -0.11
CA HIS B 464 -6.00 -17.55 0.51
C HIS B 464 -5.08 -18.16 -0.53
N HIS B 465 -5.65 -18.57 -1.66
CA HIS B 465 -4.84 -19.11 -2.74
C HIS B 465 -3.89 -18.06 -3.32
N LEU B 466 -4.35 -16.84 -3.51
CA LEU B 466 -3.49 -15.78 -4.01
C LEU B 466 -2.40 -15.43 -2.99
N ALA B 467 -2.76 -15.46 -1.70
CA ALA B 467 -1.74 -15.36 -0.66
C ALA B 467 -0.67 -16.44 -0.83
N LEU B 468 -1.05 -17.71 -1.02
CA LEU B 468 -0.03 -18.76 -1.13
C LEU B 468 0.90 -18.58 -2.34
N GLN B 469 0.45 -17.81 -3.32
CA GLN B 469 1.22 -17.63 -4.54
C GLN B 469 1.92 -16.27 -4.57
N GLU B 470 1.77 -15.51 -3.50
CA GLU B 470 2.31 -14.15 -3.47
C GLU B 470 1.80 -13.34 -4.67
N LEU B 471 0.51 -13.52 -4.99
CA LEU B 471 -0.17 -12.74 -6.02
C LEU B 471 -1.09 -11.71 -5.39
N PRO B 472 -1.34 -10.59 -6.08
CA PRO B 472 -2.18 -9.53 -5.49
C PRO B 472 -3.67 -9.90 -5.47
N GLY B 473 -4.47 -9.12 -4.75
CA GLY B 473 -5.86 -9.41 -4.51
C GLY B 473 -6.75 -9.09 -5.71
N HIS B 474 -6.16 -8.94 -6.89
CA HIS B 474 -6.95 -8.72 -8.08
C HIS B 474 -6.66 -9.76 -9.16
N VAL B 475 -7.70 -10.13 -9.91
CA VAL B 475 -7.57 -11.18 -10.92
C VAL B 475 -8.20 -10.70 -12.22
N SER B 476 -8.20 -11.54 -13.25
CA SER B 476 -8.74 -11.15 -14.53
C SER B 476 -10.20 -10.67 -14.49
N GLU B 477 -10.48 -9.64 -15.27
CA GLU B 477 -11.83 -9.19 -15.59
C GLU B 477 -12.82 -10.36 -15.77
N ASP B 478 -12.31 -11.50 -16.22
CA ASP B 478 -13.14 -12.62 -16.69
C ASP B 478 -13.60 -13.61 -15.62
N CYS B 479 -13.00 -13.53 -14.43
CA CYS B 479 -13.23 -14.48 -13.36
C CYS B 479 -14.53 -14.17 -12.59
N PHE B 480 -15.10 -15.20 -11.95
CA PHE B 480 -16.14 -15.04 -10.95
C PHE B 480 -17.38 -14.33 -11.49
N THR B 481 -17.69 -14.65 -12.74
CA THR B 481 -18.80 -14.00 -13.41
C THR B 481 -20.12 -14.25 -12.69
N ALA B 482 -20.39 -15.48 -12.28
CA ALA B 482 -21.67 -15.79 -11.65
C ALA B 482 -21.77 -15.13 -10.28
N GLU B 483 -20.69 -15.25 -9.50
CA GLU B 483 -20.64 -14.70 -8.16
C GLU B 483 -20.80 -13.18 -8.16
N ARG B 484 -20.09 -12.50 -9.05
CA ARG B 484 -20.28 -11.06 -9.19
C ARG B 484 -21.71 -10.69 -9.59
N GLU B 485 -22.30 -11.41 -10.54
CA GLU B 485 -23.67 -11.11 -10.96
C GLU B 485 -24.65 -11.30 -9.78
N LEU B 486 -24.42 -12.35 -8.98
CA LEU B 486 -25.31 -12.66 -7.87
C LEU B 486 -25.24 -11.53 -6.88
N VAL B 487 -24.01 -11.16 -6.52
CA VAL B 487 -23.80 -10.07 -5.58
C VAL B 487 -24.37 -8.73 -6.09
N ARG B 488 -24.14 -8.43 -7.38
CA ARG B 488 -24.66 -7.21 -8.00
C ARG B 488 -26.17 -7.16 -7.90
N ALA B 489 -26.83 -8.27 -8.25
CA ALA B 489 -28.28 -8.33 -8.17
C ALA B 489 -28.82 -8.15 -6.76
N SER B 490 -28.15 -8.74 -5.78
CA SER B 490 -28.51 -8.52 -4.38
C SER B 490 -28.35 -7.08 -3.96
N TRP B 491 -27.24 -6.45 -4.39
CA TRP B 491 -26.98 -5.03 -4.09
C TRP B 491 -28.12 -4.17 -4.62
N GLN B 492 -28.52 -4.47 -5.85
CA GLN B 492 -29.56 -3.71 -6.49
C GLN B 492 -30.86 -3.87 -5.73
N LYS B 493 -31.13 -5.11 -5.30
CA LYS B 493 -32.39 -5.44 -4.65
C LYS B 493 -32.47 -4.80 -3.27
N TRP B 494 -31.42 -4.92 -2.46
CA TRP B 494 -31.47 -4.45 -1.08
C TRP B 494 -31.04 -3.01 -0.90
N LEU B 495 -30.02 -2.58 -1.64
CA LEU B 495 -29.45 -1.27 -1.38
C LEU B 495 -29.93 -0.17 -2.32
N VAL B 496 -30.45 -0.53 -3.49
CA VAL B 496 -30.87 0.49 -4.47
C VAL B 496 -32.40 0.66 -4.59
N GLU B 497 -33.15 -0.42 -4.42
CA GLU B 497 -34.60 -0.37 -4.60
C GLU B 497 -35.35 -0.35 -3.28
N GLU B 498 -36.63 0.02 -3.33
CA GLU B 498 -37.64 -0.30 -2.28
C GLU B 498 -38.49 0.91 -1.98
S SO4 C . 33.15 -5.19 -23.71
O1 SO4 C . 32.38 -6.43 -23.81
O2 SO4 C . 32.32 -4.14 -24.29
O3 SO4 C . 33.50 -4.83 -22.34
O4 SO4 C . 34.42 -5.31 -24.44
S SO4 D . -15.83 30.20 -11.89
O1 SO4 D . -16.13 29.10 -10.96
O2 SO4 D . -16.81 31.28 -11.73
O3 SO4 D . -14.48 30.71 -11.67
O4 SO4 D . -15.84 29.72 -13.29
S SO4 E . 19.41 4.66 1.95
O1 SO4 E . 18.24 3.89 1.56
O2 SO4 E . 18.99 6.05 2.14
O3 SO4 E . 19.93 4.11 3.21
O4 SO4 E . 20.43 4.55 0.91
S SO4 F . -27.17 12.47 -22.88
O1 SO4 F . -28.30 12.34 -23.80
O2 SO4 F . -27.43 13.60 -21.99
O3 SO4 F . -27.01 11.25 -22.08
O4 SO4 F . -25.96 12.74 -23.65
S SO4 G . 28.50 18.14 -2.04
O1 SO4 G . 27.40 17.23 -2.28
O2 SO4 G . 28.12 19.50 -2.42
O3 SO4 G . 28.85 18.11 -0.62
O4 SO4 G . 29.64 17.72 -2.85
S SO4 H . 13.58 26.60 0.27
O1 SO4 H . 13.06 25.59 -0.63
O2 SO4 H . 13.08 26.36 1.62
O3 SO4 H . 15.04 26.54 0.29
O4 SO4 H . 13.15 27.93 -0.18
S SO4 I . -7.57 19.07 -35.19
O1 SO4 I . -8.51 18.67 -36.23
O2 SO4 I . -7.35 20.51 -35.23
O3 SO4 I . -8.13 18.72 -33.89
O4 SO4 I . -6.28 18.39 -35.38
S SO4 J . -6.74 12.26 -2.39
O1 SO4 J . -7.13 12.67 -3.75
O2 SO4 J . -6.30 10.87 -2.42
O3 SO4 J . -5.65 13.12 -1.92
O4 SO4 J . -7.91 12.33 -1.51
S SO4 K . -10.14 -27.88 -0.72
O1 SO4 K . -10.78 -28.04 -2.02
O2 SO4 K . -11.16 -28.00 0.31
O3 SO4 K . -9.12 -28.91 -0.54
O4 SO4 K . -9.49 -26.57 -0.67
S SO4 L . -4.21 -12.92 -14.22
O1 SO4 L . -3.45 -14.12 -14.59
O2 SO4 L . -5.44 -13.27 -13.52
O3 SO4 L . -3.36 -12.12 -13.33
O4 SO4 L . -4.55 -12.15 -15.42
S SO4 M . 7.83 -7.16 8.33
O1 SO4 M . 7.12 -8.09 7.47
O2 SO4 M . 7.06 -5.93 8.44
O3 SO4 M . 8.00 -7.76 9.66
O4 SO4 M . 9.14 -6.86 7.75
S SO4 N . -18.09 -15.91 18.75
O1 SO4 N . -18.15 -17.28 19.27
O2 SO4 N . -19.37 -15.24 19.03
O3 SO4 N . -17.03 -15.16 19.45
O4 SO4 N . -17.85 -15.98 17.31
S SO4 O . -11.65 -3.84 6.48
O1 SO4 O . -12.07 -5.22 6.23
O2 SO4 O . -12.76 -2.89 6.40
O3 SO4 O . -11.09 -3.76 7.82
O4 SO4 O . -10.67 -3.44 5.48
#